data_6UIR
#
_entry.id   6UIR
#
_cell.length_a   165.867
_cell.length_b   170.112
_cell.length_c   103.372
_cell.angle_alpha   90.0
_cell.angle_beta   90.0
_cell.angle_gamma   90.0
#
_symmetry.space_group_name_H-M   'C 2 2 21'
#
loop_
_entity.id
_entity.type
_entity.pdbx_description
1 polymer 'p66 Reverse transcriptase/RNaseH'
2 polymer 'p51 Reverse transcriptase/RNaseH'
3 polymer 'Primer DNA'
4 polymer 'Template DNA'
5 non-polymer '[[(2R,5S)-5-(4-azanyl-5-fluoranyl-2-oxidanylidene-pyrimidin-1-yl)-1,3-oxathiolan-2-yl]methoxy-oxidanyl-phosphoryl] phosphono hydrogen phosphate'
6 non-polymer 'SULFATE ION'
7 non-polymer 'MAGNESIUM ION'
8 water water
#
loop_
_entity_poly.entity_id
_entity_poly.type
_entity_poly.pdbx_seq_one_letter_code
_entity_poly.pdbx_strand_id
1 'polypeptide(L)'
;MGSSHHHHHHSSPISPIETVPVKLKPGMDGPKVKQWPLTEEKIKALVEICTEMEKEGKISKIGPENPYNTPVFAIKKKDS
TKWRKLVDFRELNKRTQDFWEVQLGIPHPAGLKKKKSVTVLDVGDAYFSVPLDEDFRKYTAFTIPSINNETPGIRYQYNV
LPQGWKGSPAIFQSSMTKILEPFRKQNPDIVIYQYVDDLYVGSDLEIGQHRTKIEELRQHLLRWGLTTPDKKHQKEPPFL
WMGYELHPDKWTVQPIVLPEKDSWTVNDICKLVGKLNWASQIYPGIKVRQLSKLLRGTKALTEVIPLTEEAELELAENRE
ILKEPVHGVYYDPSKDLIAEIQKQGQGQWTYQIYQEPFKNLKTGKYARMRGAHTNDVKQLTEAVQKITTESIVIWGKTPK
FKLPIQKETWETWWTEYWQATWIPEWEFVNTPPLVKLWYQLEKEPIVGAETFYVDGAANRETKLGKAGYVTNRGRQKVVT
LTDTTNQKTELQAIYLALQDSGLEVNIVTDSQYALGIIQAQPDQSESELVNQIIEQLIKKEKVYLAWVPAHKGIGGNEQV
DKLVSAGIRKVL
;
A
2 'polypeptide(L)'
;PISPIETVPVKLKPGMDGPKVKQWPLTEEKIKALVEICTEMEKEGKISKIGPENPYNTPVFAIKKKDSTKWRKLVDFREL
NKRTQDFWEVQLGIPHPAGLKKKKSVTVLDVGDAYFSVPLDEDFRKYTAFTIPSINNETPGIRYQYNVLPQGWKGSPAIF
QSSMTKILEPFRKQNPDIVIYQYVDDLYVGSDLEIGQHRTKIEELRQHLLRWGLTTPDKKHQKEPPFLWMGYELHPDKWT
VQPIVLPEKDSWTVNDIQKLVGKLNWASQIYPGIKVRQLSKLLRGTKALTEVIPLTEEAELELAENREILKEPVHGVYYD
PSKDLIAEIQKQGQGQWTYQIYQEPFKNLKTGKYARMRGAHTNDVKQLTEAVQKITTESIVIWGKTPKFKLPIQKETWET
WWTEYWQATWIPEWEFVNTPPLVKLWYQLEKEPIVGAETF
;
B
3 'polydeoxyribonucleotide'
;(DA)(DC)(DA)(DG)(DT)(DC)(DC)(DC)(DT)(DG)(DT)(DT)(DC)(DG)(DG)(DG)(DC)(DG)(DC)(DC)
(DOC)
;
P
4 'polydeoxyribonucleotide'
;(DA)(DT)(DG)(DG)(DG)(DG)(DG)(DG)(DC)(DG)(DC)(DC)(DC)(DG)(DA)(DA)(DC)(DA)(DG)(DG)
(DG)(DA)(DC)(DT)(DG)(DT)(DG)
;
T
#
loop_
_chem_comp.id
_chem_comp.type
_chem_comp.name
_chem_comp.formula
1RY non-polymer '[[(2R,5S)-5-(4-azanyl-5-fluoranyl-2-oxidanylidene-pyrimidin-1-yl)-1,3-oxathiolan-2-yl]methoxy-oxidanyl-phosphoryl] phosphono hydrogen phosphate' 'C8 H13 F N3 O12 P3 S'
DA DNA linking 2'-DEOXYADENOSINE-5'-MONOPHOSPHATE 'C10 H14 N5 O6 P'
DC DNA linking 2'-DEOXYCYTIDINE-5'-MONOPHOSPHATE 'C9 H14 N3 O7 P'
DG DNA linking 2'-DEOXYGUANOSINE-5'-MONOPHOSPHATE 'C10 H14 N5 O7 P'
DOC DNA linking 2',3'-DIDEOXYCYTIDINE-5'-MONOPHOSPHATE 'C9 H14 N3 O6 P'
DT DNA linking THYMIDINE-5'-MONOPHOSPHATE 'C10 H15 N2 O8 P'
MG non-polymer 'MAGNESIUM ION' 'Mg 2'
SO4 non-polymer 'SULFATE ION' 'O4 S -2'
#
# COMPACT_ATOMS: atom_id res chain seq x y z
N PRO A 13 -22.60 -14.28 -34.65
CA PRO A 13 -22.97 -15.66 -34.36
C PRO A 13 -22.61 -15.97 -32.91
N ILE A 14 -22.96 -17.15 -32.39
CA ILE A 14 -22.87 -17.42 -30.94
C ILE A 14 -21.82 -18.46 -30.57
N SER A 15 -20.86 -18.05 -29.74
CA SER A 15 -19.83 -18.93 -29.18
C SER A 15 -20.40 -20.21 -28.52
N PRO A 16 -19.83 -21.38 -28.90
CA PRO A 16 -20.07 -22.65 -28.20
C PRO A 16 -19.27 -22.74 -26.92
N ILE A 17 -18.84 -21.62 -26.34
CA ILE A 17 -18.15 -21.69 -25.07
C ILE A 17 -19.17 -22.00 -23.96
N GLU A 18 -18.68 -22.61 -22.89
CA GLU A 18 -19.51 -22.89 -21.73
C GLU A 18 -19.99 -21.56 -21.13
N THR A 19 -21.25 -21.53 -20.74
CA THR A 19 -21.75 -20.37 -20.02
C THR A 19 -21.09 -20.31 -18.63
N VAL A 20 -21.12 -19.13 -18.02
CA VAL A 20 -20.59 -18.95 -16.67
C VAL A 20 -21.71 -18.87 -15.63
N PRO A 21 -21.75 -19.82 -14.69
CA PRO A 21 -22.90 -19.89 -13.78
C PRO A 21 -23.01 -18.67 -12.87
N VAL A 22 -24.22 -18.16 -12.73
CA VAL A 22 -24.43 -16.88 -12.09
C VAL A 22 -25.72 -16.89 -11.24
N LYS A 23 -25.69 -16.25 -10.07
CA LYS A 23 -26.86 -16.26 -9.20
C LYS A 23 -27.34 -14.88 -8.82
N LEU A 24 -28.55 -14.82 -8.28
CA LEU A 24 -29.01 -13.64 -7.58
C LEU A 24 -28.40 -13.66 -6.19
N LYS A 25 -28.38 -12.53 -5.50
CA LYS A 25 -27.98 -12.57 -4.09
C LYS A 25 -29.06 -13.28 -3.29
N PRO A 26 -28.65 -14.04 -2.26
CA PRO A 26 -29.58 -14.81 -1.40
C PRO A 26 -30.83 -14.04 -1.03
N GLY A 27 -31.98 -14.70 -1.13
CA GLY A 27 -33.25 -14.12 -0.76
C GLY A 27 -33.76 -12.97 -1.62
N MET A 28 -33.25 -12.86 -2.84
CA MET A 28 -33.69 -11.77 -3.72
C MET A 28 -34.38 -12.31 -4.98
N ASP A 29 -35.05 -11.42 -5.70
CA ASP A 29 -35.73 -11.84 -6.93
C ASP A 29 -35.58 -10.81 -8.05
N GLY A 30 -35.84 -11.24 -9.28
CA GLY A 30 -35.61 -10.42 -10.46
C GLY A 30 -36.36 -9.11 -10.51
N PRO A 31 -35.90 -8.18 -11.38
CA PRO A 31 -36.46 -6.83 -11.45
C PRO A 31 -37.86 -6.82 -12.05
N LYS A 32 -38.73 -6.00 -11.47
CA LYS A 32 -40.07 -5.83 -12.00
C LYS A 32 -40.28 -4.34 -12.17
N VAL A 33 -39.85 -3.81 -13.32
CA VAL A 33 -39.78 -2.36 -13.49
C VAL A 33 -40.37 -1.88 -14.82
N LYS A 34 -41.24 -0.86 -14.75
CA LYS A 34 -41.98 -0.37 -15.92
C LYS A 34 -41.10 0.35 -16.96
N GLN A 35 -41.25 -0.03 -18.23
CA GLN A 35 -40.52 0.61 -19.32
C GLN A 35 -41.02 2.04 -19.53
N TRP A 36 -40.12 3.00 -19.38
CA TRP A 36 -40.49 4.41 -19.51
C TRP A 36 -40.61 4.79 -20.99
N PRO A 37 -41.43 5.82 -21.30
CA PRO A 37 -41.70 6.23 -22.68
C PRO A 37 -40.44 6.56 -23.47
N LEU A 38 -40.48 6.33 -24.77
CA LEU A 38 -39.28 6.45 -25.59
C LEU A 38 -39.57 6.94 -27.03
N THR A 39 -38.78 7.92 -27.46
CA THR A 39 -38.89 8.53 -28.79
C THR A 39 -38.86 7.49 -29.88
N GLU A 40 -39.54 7.77 -30.97
CA GLU A 40 -39.68 6.74 -31.96
C GLU A 40 -38.43 6.47 -32.79
N GLU A 41 -37.60 7.50 -32.96
CA GLU A 41 -36.29 7.34 -33.58
C GLU A 41 -35.63 6.09 -33.04
N LYS A 42 -35.78 5.94 -31.72
CA LYS A 42 -35.20 4.83 -30.98
C LYS A 42 -35.99 3.54 -31.17
N ILE A 43 -37.31 3.60 -31.02
CA ILE A 43 -38.15 2.41 -31.17
C ILE A 43 -37.91 1.73 -32.52
N LYS A 44 -37.68 2.54 -33.55
CA LYS A 44 -37.40 2.03 -34.88
C LYS A 44 -36.07 1.25 -34.90
N ALA A 45 -35.06 1.83 -34.25
CA ALA A 45 -33.74 1.21 -34.19
C ALA A 45 -33.77 -0.03 -33.32
N LEU A 46 -34.58 0.01 -32.25
CA LEU A 46 -34.75 -1.14 -31.37
C LEU A 46 -35.26 -2.38 -32.09
N VAL A 47 -36.41 -2.27 -32.73
CA VAL A 47 -37.03 -3.42 -33.38
C VAL A 47 -36.18 -3.87 -34.55
N GLU A 48 -35.46 -2.93 -35.16
CA GLU A 48 -34.51 -3.28 -36.21
C GLU A 48 -33.44 -4.20 -35.64
N ILE A 49 -32.89 -3.80 -34.49
CA ILE A 49 -31.91 -4.61 -33.78
C ILE A 49 -32.53 -5.89 -33.22
N CYS A 50 -33.73 -5.77 -32.65
CA CYS A 50 -34.34 -6.93 -32.01
C CYS A 50 -34.83 -8.02 -32.98
N THR A 51 -35.26 -7.62 -34.17
CA THR A 51 -35.75 -8.61 -35.11
C THR A 51 -34.59 -9.44 -35.62
N GLU A 52 -33.42 -8.82 -35.74
CA GLU A 52 -32.25 -9.56 -36.17
C GLU A 52 -31.71 -10.46 -35.06
N MET A 53 -31.65 -9.92 -33.84
CA MET A 53 -31.16 -10.70 -32.72
C MET A 53 -32.02 -11.92 -32.49
N GLU A 54 -33.33 -11.68 -32.50
CA GLU A 54 -34.31 -12.74 -32.29
C GLU A 54 -34.15 -13.79 -33.39
N LYS A 55 -33.90 -13.32 -34.60
CA LYS A 55 -33.69 -14.22 -35.72
C LYS A 55 -32.47 -15.08 -35.46
N GLU A 56 -31.48 -14.50 -34.77
CA GLU A 56 -30.18 -15.14 -34.61
C GLU A 56 -30.01 -15.95 -33.33
N GLY A 57 -31.06 -16.01 -32.51
CA GLY A 57 -31.03 -16.77 -31.28
C GLY A 57 -30.57 -16.00 -30.06
N LYS A 58 -30.24 -14.73 -30.24
CA LYS A 58 -29.58 -13.99 -29.18
C LYS A 58 -30.59 -13.49 -28.17
N ILE A 59 -31.82 -13.30 -28.65
CA ILE A 59 -32.94 -12.99 -27.77
C ILE A 59 -34.11 -13.87 -28.15
N SER A 60 -34.87 -14.26 -27.13
CA SER A 60 -36.05 -15.07 -27.33
C SER A 60 -37.29 -14.33 -26.87
N LYS A 61 -38.36 -14.46 -27.66
CA LYS A 61 -39.66 -13.96 -27.25
C LYS A 61 -40.17 -14.77 -26.07
N ILE A 62 -40.65 -14.04 -25.06
CA ILE A 62 -41.25 -14.64 -23.87
C ILE A 62 -42.76 -14.40 -23.85
N GLY A 63 -43.45 -15.05 -22.91
CA GLY A 63 -44.87 -14.80 -22.70
C GLY A 63 -45.17 -14.07 -21.39
N PRO A 64 -46.33 -14.35 -20.79
CA PRO A 64 -46.75 -13.79 -19.49
C PRO A 64 -46.32 -14.68 -18.31
N GLU A 65 -45.70 -15.82 -18.60
CA GLU A 65 -45.10 -16.65 -17.57
C GLU A 65 -43.82 -16.00 -17.06
N ASN A 66 -43.48 -14.86 -17.64
CA ASN A 66 -42.36 -14.05 -17.17
C ASN A 66 -42.84 -12.80 -16.46
N PRO A 67 -42.74 -12.80 -15.13
CA PRO A 67 -43.16 -11.67 -14.29
C PRO A 67 -42.25 -10.45 -14.42
N TYR A 68 -40.98 -10.69 -14.70
CA TYR A 68 -39.96 -9.66 -14.63
C TYR A 68 -39.94 -8.73 -15.83
N ASN A 69 -39.32 -7.56 -15.66
CA ASN A 69 -39.05 -6.66 -16.78
C ASN A 69 -38.09 -5.56 -16.37
N THR A 70 -37.35 -5.05 -17.34
CA THR A 70 -36.35 -4.02 -17.10
C THR A 70 -36.34 -3.08 -18.29
N PRO A 71 -36.27 -1.76 -18.03
CA PRO A 71 -36.34 -0.73 -19.09
C PRO A 71 -35.19 -0.81 -20.09
N VAL A 72 -35.46 -0.55 -21.37
CA VAL A 72 -34.36 -0.47 -22.33
C VAL A 72 -34.44 0.81 -23.14
N PHE A 73 -33.32 1.16 -23.77
CA PHE A 73 -33.18 2.40 -24.52
C PHE A 73 -32.00 2.31 -25.49
N ALA A 74 -31.66 3.41 -26.14
CA ALA A 74 -30.53 3.40 -27.06
C ALA A 74 -29.83 4.75 -27.15
N ILE A 75 -28.56 4.71 -27.53
CA ILE A 75 -27.79 5.91 -27.79
C ILE A 75 -26.96 5.62 -29.04
N LYS A 76 -26.54 6.66 -29.76
CA LYS A 76 -25.85 6.43 -31.03
C LYS A 76 -24.34 6.29 -30.83
N LYS A 77 -23.73 5.39 -31.58
CA LYS A 77 -22.28 5.20 -31.56
C LYS A 77 -21.56 6.25 -32.40
N LYS A 82 -23.73 3.76 -36.12
CA LYS A 82 -24.84 2.85 -35.82
C LYS A 82 -25.42 3.10 -34.43
N TRP A 83 -26.34 2.25 -34.00
CA TRP A 83 -26.98 2.38 -32.70
C TRP A 83 -26.50 1.33 -31.68
N ARG A 84 -26.47 1.72 -30.41
CA ARG A 84 -26.16 0.78 -29.33
C ARG A 84 -27.41 0.54 -28.50
N LYS A 85 -27.83 -0.72 -28.39
CA LYS A 85 -28.93 -1.07 -27.48
C LYS A 85 -28.45 -1.21 -26.03
N LEU A 86 -29.15 -0.56 -25.11
CA LEU A 86 -28.79 -0.60 -23.69
C LEU A 86 -29.96 -1.03 -22.84
N VAL A 87 -29.67 -1.48 -21.64
CA VAL A 87 -30.70 -1.88 -20.72
C VAL A 87 -30.33 -1.33 -19.36
N ASP A 88 -31.29 -0.68 -18.70
CA ASP A 88 -31.02 -0.07 -17.42
C ASP A 88 -31.23 -1.11 -16.34
N PHE A 89 -30.28 -2.04 -16.26
CA PHE A 89 -30.32 -3.09 -15.26
C PHE A 89 -29.88 -2.64 -13.87
N ARG A 90 -29.89 -1.33 -13.59
CA ARG A 90 -29.42 -0.84 -12.28
C ARG A 90 -30.06 -1.60 -11.13
N GLU A 91 -31.26 -2.12 -11.37
CA GLU A 91 -32.03 -2.82 -10.37
C GLU A 91 -31.66 -4.30 -10.31
N LEU A 92 -31.52 -4.93 -11.48
CA LEU A 92 -30.99 -6.30 -11.55
C LEU A 92 -29.56 -6.39 -11.03
N ASN A 93 -28.72 -5.45 -11.44
CA ASN A 93 -27.33 -5.39 -10.98
C ASN A 93 -27.22 -5.37 -9.47
N LYS A 94 -28.25 -4.83 -8.81
CA LYS A 94 -28.28 -4.71 -7.36
C LYS A 94 -28.53 -6.06 -6.72
N ARG A 95 -29.32 -6.90 -7.41
CA ARG A 95 -29.74 -8.19 -6.86
C ARG A 95 -28.83 -9.32 -7.26
N THR A 96 -27.99 -9.08 -8.25
CA THR A 96 -27.08 -10.10 -8.76
C THR A 96 -25.94 -10.34 -7.74
N GLN A 97 -25.31 -11.50 -7.81
CA GLN A 97 -24.15 -11.82 -6.98
C GLN A 97 -22.96 -10.91 -7.27
N ASP A 98 -21.92 -10.97 -6.45
CA ASP A 98 -20.72 -10.19 -6.74
C ASP A 98 -19.82 -10.96 -7.69
N PHE A 99 -19.00 -10.21 -8.42
CA PHE A 99 -17.97 -10.78 -9.28
C PHE A 99 -16.62 -10.28 -8.86
N TRP A 100 -15.59 -11.10 -9.00
CA TRP A 100 -14.24 -10.54 -8.93
C TRP A 100 -13.87 -10.06 -10.32
N GLU A 101 -13.61 -8.77 -10.46
CA GLU A 101 -13.27 -8.20 -11.76
C GLU A 101 -11.93 -8.71 -12.17
N VAL A 102 -11.80 -9.12 -13.44
CA VAL A 102 -10.51 -9.60 -13.90
C VAL A 102 -9.67 -8.56 -14.64
N GLN A 103 -10.25 -7.39 -14.90
CA GLN A 103 -9.51 -6.31 -15.55
C GLN A 103 -8.75 -5.49 -14.54
N LEU A 104 -7.42 -5.60 -14.49
CA LEU A 104 -6.70 -5.00 -13.36
C LEU A 104 -6.15 -3.60 -13.63
N GLY A 105 -6.22 -3.16 -14.88
CA GLY A 105 -5.66 -1.87 -15.23
C GLY A 105 -5.74 -1.67 -16.72
N ILE A 106 -5.05 -0.65 -17.20
CA ILE A 106 -5.16 -0.22 -18.59
C ILE A 106 -3.80 -0.31 -19.25
N PRO A 107 -3.67 -1.09 -20.33
CA PRO A 107 -2.38 -1.13 -21.02
C PRO A 107 -1.96 0.25 -21.49
N HIS A 108 -0.65 0.50 -21.47
CA HIS A 108 -0.15 1.80 -21.84
C HIS A 108 0.84 1.63 -22.98
N PRO A 109 0.81 2.52 -23.98
CA PRO A 109 1.66 2.37 -25.16
C PRO A 109 3.15 2.31 -24.82
N ALA A 110 3.56 2.92 -23.72
CA ALA A 110 4.99 3.04 -23.45
C ALA A 110 5.55 1.71 -22.93
N GLY A 111 4.67 0.76 -22.69
CA GLY A 111 5.08 -0.54 -22.22
C GLY A 111 5.17 -1.50 -23.38
N LEU A 112 4.74 -1.08 -24.56
CA LEU A 112 4.93 -1.91 -25.77
C LEU A 112 6.38 -1.95 -26.25
N LYS A 113 6.80 -3.13 -26.69
CA LYS A 113 8.13 -3.26 -27.29
C LYS A 113 8.07 -3.04 -28.81
N LYS A 114 9.21 -2.76 -29.44
CA LYS A 114 9.20 -2.64 -30.89
C LYS A 114 8.92 -4.00 -31.52
N LYS A 115 7.94 -4.01 -32.42
CA LYS A 115 7.58 -5.24 -33.13
C LYS A 115 7.80 -5.06 -34.62
N LYS A 116 8.22 -6.12 -35.27
CA LYS A 116 8.43 -6.03 -36.70
C LYS A 116 7.10 -5.86 -37.40
N SER A 117 6.09 -6.62 -36.97
CA SER A 117 4.78 -6.58 -37.61
C SER A 117 3.64 -6.47 -36.59
N VAL A 118 2.63 -5.69 -36.93
CA VAL A 118 1.59 -5.31 -35.98
C VAL A 118 0.19 -5.38 -36.61
N THR A 119 -0.79 -5.85 -35.85
CA THR A 119 -2.17 -5.81 -36.31
C THR A 119 -3.07 -5.32 -35.20
N VAL A 120 -4.15 -4.61 -35.53
CA VAL A 120 -5.17 -4.31 -34.54
C VAL A 120 -6.53 -4.75 -35.06
N LEU A 121 -7.16 -5.66 -34.31
CA LEU A 121 -8.44 -6.23 -34.66
C LEU A 121 -9.46 -5.94 -33.60
N ASP A 122 -10.67 -5.64 -34.03
CA ASP A 122 -11.80 -5.48 -33.13
C ASP A 122 -12.67 -6.73 -33.32
N VAL A 123 -13.29 -7.21 -32.25
CA VAL A 123 -14.23 -8.33 -32.36
C VAL A 123 -15.64 -7.81 -32.62
N GLY A 124 -16.33 -8.39 -33.60
CA GLY A 124 -17.65 -7.92 -33.99
C GLY A 124 -18.78 -8.38 -33.10
N ASP A 125 -19.69 -7.47 -32.77
CA ASP A 125 -20.74 -7.65 -31.74
C ASP A 125 -20.35 -8.60 -30.59
N ALA A 126 -19.33 -8.20 -29.84
CA ALA A 126 -18.68 -9.04 -28.84
C ALA A 126 -19.61 -9.71 -27.82
N TYR A 127 -20.26 -8.92 -26.95
CA TYR A 127 -21.15 -9.47 -25.94
C TYR A 127 -22.19 -10.45 -26.51
N PHE A 128 -22.72 -10.14 -27.68
CA PHE A 128 -23.84 -10.91 -28.21
C PHE A 128 -23.35 -12.20 -28.81
N SER A 129 -22.05 -12.44 -28.67
CA SER A 129 -21.46 -13.66 -29.18
C SER A 129 -21.17 -14.60 -28.03
N VAL A 130 -21.36 -14.11 -26.80
CA VAL A 130 -21.14 -14.94 -25.64
C VAL A 130 -22.46 -15.31 -24.95
N PRO A 131 -22.72 -16.60 -24.80
CA PRO A 131 -24.01 -17.04 -24.27
C PRO A 131 -24.15 -16.69 -22.80
N LEU A 132 -25.36 -16.33 -22.39
CA LEU A 132 -25.69 -16.09 -20.99
C LEU A 132 -26.24 -17.37 -20.35
N ASP A 133 -25.94 -17.58 -19.06
CA ASP A 133 -26.42 -18.76 -18.33
C ASP A 133 -27.93 -18.94 -18.49
N GLU A 134 -28.37 -20.17 -18.77
CA GLU A 134 -29.79 -20.44 -18.99
C GLU A 134 -30.67 -20.12 -17.79
N ASP A 135 -30.25 -20.56 -16.61
CA ASP A 135 -31.03 -20.36 -15.40
C ASP A 135 -31.19 -18.89 -15.00
N PHE A 136 -30.58 -18.00 -15.77
CA PHE A 136 -30.53 -16.61 -15.38
C PHE A 136 -31.16 -15.74 -16.46
N ARG A 137 -31.44 -16.35 -17.59
CA ARG A 137 -32.00 -15.61 -18.72
C ARG A 137 -33.32 -14.94 -18.35
N LYS A 138 -34.14 -15.61 -17.54
CA LYS A 138 -35.46 -15.10 -17.25
C LYS A 138 -35.41 -13.68 -16.63
N TYR A 139 -34.41 -13.44 -15.78
CA TYR A 139 -34.31 -12.14 -15.10
C TYR A 139 -34.01 -10.99 -16.03
N THR A 140 -33.62 -11.29 -17.27
CA THR A 140 -33.21 -10.28 -18.23
C THR A 140 -34.37 -9.79 -19.08
N ALA A 141 -35.56 -10.22 -18.71
CA ALA A 141 -36.77 -9.90 -19.47
C ALA A 141 -36.88 -8.41 -19.76
N PHE A 142 -37.14 -8.09 -21.02
CA PHE A 142 -37.37 -6.71 -21.37
C PHE A 142 -38.42 -6.62 -22.45
N THR A 143 -39.00 -5.44 -22.59
CA THR A 143 -40.18 -5.29 -23.46
C THR A 143 -40.01 -4.07 -24.38
N ILE A 144 -40.05 -4.31 -25.69
CA ILE A 144 -40.07 -3.15 -26.61
C ILE A 144 -41.47 -2.60 -26.81
N PRO A 145 -41.64 -1.28 -26.80
CA PRO A 145 -43.02 -0.83 -27.01
C PRO A 145 -43.31 -0.62 -28.50
N ILE A 154 -43.73 -5.70 -27.65
CA ILE A 154 -43.10 -7.02 -27.76
C ILE A 154 -42.20 -7.34 -26.56
N ARG A 155 -42.33 -8.54 -26.00
CA ARG A 155 -41.51 -8.93 -24.84
C ARG A 155 -40.39 -9.92 -25.22
N TYR A 156 -39.18 -9.67 -24.72
CA TYR A 156 -38.04 -10.56 -24.99
C TYR A 156 -37.24 -10.91 -23.72
N GLN A 157 -36.39 -11.93 -23.81
CA GLN A 157 -35.27 -12.05 -22.87
C GLN A 157 -33.97 -12.30 -23.62
N TYR A 158 -32.87 -12.15 -22.89
CA TYR A 158 -31.53 -12.33 -23.44
C TYR A 158 -31.07 -13.77 -23.36
N ASN A 159 -30.44 -14.23 -24.43
CA ASN A 159 -29.76 -15.52 -24.44
C ASN A 159 -28.25 -15.35 -24.47
N VAL A 160 -27.84 -14.09 -24.57
CA VAL A 160 -26.45 -13.68 -24.66
C VAL A 160 -26.21 -12.54 -23.67
N LEU A 161 -24.95 -12.14 -23.49
CA LEU A 161 -24.62 -11.02 -22.60
C LEU A 161 -25.30 -9.70 -22.99
N PRO A 162 -25.96 -9.02 -22.04
CA PRO A 162 -26.57 -7.72 -22.33
C PRO A 162 -25.73 -6.50 -21.92
N GLN A 163 -25.79 -5.45 -22.72
CA GLN A 163 -25.06 -4.23 -22.36
C GLN A 163 -25.85 -3.47 -21.30
N GLY A 164 -25.35 -3.45 -20.07
CA GLY A 164 -25.98 -2.73 -18.97
C GLY A 164 -25.96 -3.54 -17.69
N TRP A 165 -25.84 -4.86 -17.86
CA TRP A 165 -25.71 -5.76 -16.72
C TRP A 165 -24.27 -5.69 -16.20
N LYS A 166 -24.12 -5.75 -14.89
CA LYS A 166 -22.81 -5.58 -14.28
C LYS A 166 -21.93 -6.85 -14.41
N GLY A 167 -22.53 -7.97 -14.78
CA GLY A 167 -21.74 -9.19 -14.95
C GLY A 167 -21.17 -9.35 -16.35
N SER A 168 -21.65 -8.55 -17.29
CA SER A 168 -21.24 -8.74 -18.68
C SER A 168 -19.76 -8.47 -18.91
N PRO A 169 -19.21 -7.39 -18.37
CA PRO A 169 -17.79 -7.14 -18.65
C PRO A 169 -16.83 -8.24 -18.20
N ALA A 170 -16.99 -8.76 -16.99
CA ALA A 170 -16.02 -9.73 -16.48
C ALA A 170 -16.24 -11.05 -17.17
N ILE A 171 -17.50 -11.38 -17.44
CA ILE A 171 -17.79 -12.62 -18.11
C ILE A 171 -17.26 -12.57 -19.55
N PHE A 172 -17.40 -11.43 -20.20
CA PHE A 172 -16.78 -11.30 -21.51
C PHE A 172 -15.27 -11.44 -21.42
N GLN A 173 -14.63 -10.62 -20.59
CA GLN A 173 -13.17 -10.62 -20.49
C GLN A 173 -12.59 -11.98 -20.15
N SER A 174 -13.26 -12.70 -19.25
CA SER A 174 -12.80 -14.02 -18.88
C SER A 174 -13.00 -15.01 -20.03
N SER A 175 -14.16 -14.98 -20.66
CA SER A 175 -14.42 -15.88 -21.78
C SER A 175 -13.40 -15.71 -22.92
N MET A 176 -13.08 -14.46 -23.20
CA MET A 176 -12.10 -14.10 -24.19
C MET A 176 -10.76 -14.75 -23.88
N THR A 177 -10.40 -14.75 -22.59
CA THR A 177 -9.13 -15.29 -22.12
C THR A 177 -9.06 -16.80 -22.26
N LYS A 178 -10.15 -17.50 -21.91
CA LYS A 178 -10.22 -18.93 -22.17
C LYS A 178 -10.06 -19.18 -23.67
N ILE A 179 -10.77 -18.41 -24.47
CA ILE A 179 -10.71 -18.61 -25.93
C ILE A 179 -9.29 -18.34 -26.48
N LEU A 180 -8.62 -17.29 -26.03
CA LEU A 180 -7.25 -17.04 -26.52
C LEU A 180 -6.17 -17.99 -25.92
N GLU A 181 -6.45 -18.64 -24.80
CA GLU A 181 -5.43 -19.45 -24.11
C GLU A 181 -4.76 -20.52 -25.03
N PRO A 182 -5.55 -21.31 -25.78
CA PRO A 182 -4.91 -22.27 -26.69
C PRO A 182 -4.01 -21.61 -27.72
N PHE A 183 -4.48 -20.53 -28.30
CA PHE A 183 -3.68 -19.87 -29.33
C PHE A 183 -2.40 -19.33 -28.72
N ARG A 184 -2.50 -18.83 -27.48
CA ARG A 184 -1.33 -18.27 -26.82
C ARG A 184 -0.34 -19.36 -26.49
N LYS A 185 -0.84 -20.53 -26.07
CA LYS A 185 0.01 -21.70 -25.83
C LYS A 185 0.80 -22.10 -27.08
N GLN A 186 0.08 -22.27 -28.18
CA GLN A 186 0.68 -22.64 -29.46
C GLN A 186 1.57 -21.54 -30.05
N ASN A 187 1.41 -20.30 -29.61
CA ASN A 187 2.14 -19.22 -30.23
C ASN A 187 2.74 -18.28 -29.22
N PRO A 188 3.59 -18.81 -28.33
CA PRO A 188 4.07 -18.02 -27.20
C PRO A 188 4.77 -16.73 -27.59
N ASP A 189 5.23 -16.61 -28.82
CA ASP A 189 5.99 -15.41 -29.14
C ASP A 189 5.22 -14.41 -30.03
N ILE A 190 3.92 -14.62 -30.12
CA ILE A 190 3.07 -13.61 -30.69
C ILE A 190 2.43 -12.88 -29.51
N VAL A 191 2.56 -11.56 -29.45
CA VAL A 191 2.00 -10.85 -28.31
C VAL A 191 0.62 -10.29 -28.63
N ILE A 192 -0.36 -10.68 -27.82
CA ILE A 192 -1.74 -10.23 -28.00
C ILE A 192 -2.19 -9.38 -26.80
N TYR A 193 -2.24 -8.07 -27.00
CA TYR A 193 -2.81 -7.19 -26.00
C TYR A 193 -4.32 -7.24 -26.18
N GLN A 194 -5.01 -7.66 -25.11
CA GLN A 194 -6.43 -7.99 -25.11
C GLN A 194 -7.24 -7.04 -24.19
N TYR A 195 -7.89 -6.04 -24.76
CA TYR A 195 -8.63 -5.09 -23.96
C TYR A 195 -10.09 -5.12 -24.37
N VAL A 196 -10.88 -5.82 -23.55
CA VAL A 196 -12.26 -6.15 -23.87
C VAL A 196 -12.28 -6.85 -25.23
N ASP A 197 -12.84 -6.23 -26.26
CA ASP A 197 -12.94 -6.90 -27.57
C ASP A 197 -11.86 -6.43 -28.51
N ASP A 198 -10.93 -5.67 -27.97
CA ASP A 198 -9.87 -5.09 -28.75
C ASP A 198 -8.60 -5.93 -28.73
N LEU A 199 -8.08 -6.27 -29.89
CA LEU A 199 -6.83 -7.02 -29.94
C LEU A 199 -5.71 -6.27 -30.68
N TYR A 200 -4.58 -6.05 -30.00
CA TYR A 200 -3.33 -5.63 -30.64
C TYR A 200 -2.46 -6.87 -30.77
N VAL A 201 -2.02 -7.15 -31.98
CA VAL A 201 -1.24 -8.36 -32.19
C VAL A 201 0.08 -8.00 -32.79
N GLY A 202 1.16 -8.36 -32.08
CA GLY A 202 2.50 -8.03 -32.51
C GLY A 202 3.38 -9.26 -32.62
N SER A 203 4.23 -9.26 -33.64
CA SER A 203 5.09 -10.39 -33.91
C SER A 203 6.44 -9.92 -34.45
N ASP A 204 7.44 -10.80 -34.37
CA ASP A 204 8.74 -10.53 -34.95
C ASP A 204 8.94 -11.25 -36.31
N LEU A 205 7.83 -11.44 -37.02
CA LEU A 205 7.83 -12.06 -38.35
C LEU A 205 7.82 -11.00 -39.46
N GLU A 206 8.10 -11.41 -40.70
CA GLU A 206 7.92 -10.54 -41.86
C GLU A 206 6.43 -10.45 -42.14
N ILE A 207 5.96 -9.37 -42.78
CA ILE A 207 4.52 -9.18 -42.94
C ILE A 207 3.81 -10.36 -43.57
N GLY A 208 4.45 -11.04 -44.51
CA GLY A 208 3.84 -12.19 -45.14
C GLY A 208 3.45 -13.24 -44.11
N GLN A 209 4.45 -13.68 -43.36
CA GLN A 209 4.25 -14.67 -42.32
C GLN A 209 3.42 -14.18 -41.13
N HIS A 210 3.55 -12.90 -40.80
CA HIS A 210 2.70 -12.31 -39.77
C HIS A 210 1.23 -12.41 -40.18
N ARG A 211 0.95 -12.11 -41.45
CA ARG A 211 -0.44 -12.10 -41.92
C ARG A 211 -1.02 -13.50 -41.92
N THR A 212 -0.17 -14.48 -42.17
CA THR A 212 -0.58 -15.88 -42.03
C THR A 212 -1.01 -16.24 -40.61
N LYS A 213 -0.26 -15.74 -39.62
CA LYS A 213 -0.60 -15.92 -38.21
C LYS A 213 -1.89 -15.23 -37.84
N ILE A 214 -2.08 -13.99 -38.33
CA ILE A 214 -3.30 -13.25 -38.09
C ILE A 214 -4.50 -14.05 -38.54
N GLU A 215 -4.43 -14.59 -39.76
CA GLU A 215 -5.50 -15.41 -40.30
C GLU A 215 -5.77 -16.63 -39.45
N GLU A 216 -4.70 -17.24 -38.94
CA GLU A 216 -4.82 -18.34 -38.02
C GLU A 216 -5.54 -17.88 -36.75
N LEU A 217 -5.19 -16.69 -36.26
CA LEU A 217 -5.89 -16.14 -35.09
C LEU A 217 -7.37 -15.88 -35.40
N ARG A 218 -7.68 -15.42 -36.60
CA ARG A 218 -9.08 -15.09 -36.93
C ARG A 218 -9.95 -16.34 -37.10
N GLN A 219 -9.39 -17.38 -37.69
CA GLN A 219 -10.15 -18.61 -37.81
C GLN A 219 -10.30 -19.23 -36.41
N HIS A 220 -9.31 -19.00 -35.55
CA HIS A 220 -9.38 -19.49 -34.17
C HIS A 220 -10.54 -18.84 -33.45
N LEU A 221 -10.68 -17.52 -33.61
CA LEU A 221 -11.76 -16.80 -32.99
C LEU A 221 -13.12 -17.20 -33.57
N LEU A 222 -13.17 -17.31 -34.90
CA LEU A 222 -14.38 -17.73 -35.59
C LEU A 222 -14.88 -19.12 -35.18
N ARG A 223 -13.96 -20.08 -34.96
CA ARG A 223 -14.32 -21.38 -34.39
C ARG A 223 -15.08 -21.19 -33.08
N TRP A 224 -14.66 -20.22 -32.29
CA TRP A 224 -15.35 -19.97 -31.03
C TRP A 224 -16.44 -18.92 -31.14
N GLY A 225 -16.84 -18.58 -32.36
CA GLY A 225 -17.98 -17.71 -32.55
C GLY A 225 -17.70 -16.22 -32.66
N LEU A 226 -16.45 -15.82 -32.51
CA LEU A 226 -16.11 -14.41 -32.55
C LEU A 226 -15.61 -13.99 -33.94
N THR A 227 -16.36 -13.11 -34.59
CA THR A 227 -15.98 -12.66 -35.92
C THR A 227 -14.99 -11.53 -35.79
N THR A 228 -14.18 -11.34 -36.83
CA THR A 228 -13.36 -10.14 -36.87
C THR A 228 -13.55 -9.42 -38.18
N PRO A 229 -14.45 -8.45 -38.20
CA PRO A 229 -14.81 -7.70 -39.41
C PRO A 229 -13.62 -6.96 -39.98
N ASP A 230 -13.35 -7.15 -41.27
CA ASP A 230 -12.25 -6.46 -41.95
C ASP A 230 -12.37 -4.95 -41.75
N LYS A 231 -13.61 -4.47 -41.63
CA LYS A 231 -13.92 -3.06 -41.40
C LYS A 231 -13.10 -2.47 -40.25
N LYS A 232 -12.82 -3.29 -39.25
CA LYS A 232 -12.07 -2.81 -38.09
C LYS A 232 -10.73 -3.55 -37.95
N HIS A 233 -10.26 -4.07 -39.07
CA HIS A 233 -8.99 -4.77 -39.13
C HIS A 233 -7.93 -3.81 -39.65
N GLN A 234 -7.12 -3.27 -38.76
CA GLN A 234 -6.11 -2.31 -39.16
C GLN A 234 -4.81 -3.00 -39.54
N LYS A 235 -4.33 -2.77 -40.77
CA LYS A 235 -3.14 -3.46 -41.27
C LYS A 235 -1.92 -2.57 -41.47
N GLU A 236 -2.12 -1.25 -41.47
CA GLU A 236 -1.05 -0.29 -41.73
C GLU A 236 -0.97 0.77 -40.64
N PRO A 237 0.26 1.27 -40.34
CA PRO A 237 0.42 2.38 -39.39
C PRO A 237 -0.10 3.67 -40.02
N PRO A 238 -0.56 4.62 -39.19
CA PRO A 238 -0.60 4.53 -37.73
C PRO A 238 -1.83 3.76 -37.21
N PHE A 239 -1.61 2.82 -36.31
CA PHE A 239 -2.71 2.05 -35.74
C PHE A 239 -3.47 2.86 -34.71
N LEU A 240 -4.80 2.81 -34.74
CA LEU A 240 -5.60 3.43 -33.67
C LEU A 240 -5.88 2.45 -32.53
N TRP A 241 -5.47 2.80 -31.33
CA TRP A 241 -5.44 1.84 -30.23
C TRP A 241 -5.50 2.53 -28.89
N MET A 242 -6.60 2.33 -28.16
CA MET A 242 -6.70 2.78 -26.78
C MET A 242 -6.58 4.28 -26.60
N GLY A 243 -6.91 5.03 -27.66
CA GLY A 243 -6.85 6.47 -27.57
C GLY A 243 -5.54 7.04 -28.07
N TYR A 244 -4.71 6.18 -28.66
CA TYR A 244 -3.43 6.59 -29.22
C TYR A 244 -3.31 6.33 -30.72
N GLU A 245 -2.22 6.83 -31.29
CA GLU A 245 -1.85 6.48 -32.64
C GLU A 245 -0.49 5.87 -32.54
N LEU A 246 -0.34 4.63 -32.98
CA LEU A 246 0.92 3.93 -32.90
C LEU A 246 1.62 3.93 -34.26
N HIS A 247 2.72 4.67 -34.36
CA HIS A 247 3.60 4.66 -35.52
C HIS A 247 4.68 3.65 -35.23
N PRO A 248 5.52 3.33 -36.23
CA PRO A 248 6.45 2.23 -35.96
C PRO A 248 7.49 2.54 -34.88
N ASP A 249 7.84 3.82 -34.67
CA ASP A 249 8.97 4.15 -33.80
C ASP A 249 8.58 5.17 -32.75
N LYS A 250 7.30 5.50 -32.72
CA LYS A 250 6.84 6.53 -31.81
C LYS A 250 5.33 6.38 -31.60
N TRP A 251 4.83 7.03 -30.56
CA TRP A 251 3.39 6.97 -30.31
C TRP A 251 2.94 8.34 -29.87
N THR A 252 1.67 8.63 -30.09
CA THR A 252 1.12 9.93 -29.72
C THR A 252 -0.30 9.75 -29.17
N VAL A 253 -0.77 10.76 -28.45
CA VAL A 253 -2.10 10.68 -27.92
C VAL A 253 -2.95 11.26 -29.00
N GLN A 254 -4.20 10.85 -29.05
CA GLN A 254 -5.15 11.45 -29.98
C GLN A 254 -5.56 12.81 -29.44
N PRO A 255 -5.72 13.80 -30.35
CA PRO A 255 -5.92 15.22 -30.07
C PRO A 255 -6.74 15.52 -28.84
N ILE A 256 -6.27 16.46 -28.04
CA ILE A 256 -6.99 16.85 -26.84
C ILE A 256 -7.45 18.29 -27.01
N VAL A 257 -8.69 18.55 -26.62
CA VAL A 257 -9.24 19.89 -26.77
C VAL A 257 -9.91 20.33 -25.46
N LEU A 258 -9.44 21.46 -24.95
CA LEU A 258 -9.99 22.01 -23.71
C LEU A 258 -11.10 22.98 -24.01
N PRO A 259 -12.15 22.96 -23.18
CA PRO A 259 -13.22 23.96 -23.28
C PRO A 259 -12.67 25.39 -23.32
N GLU A 260 -13.41 26.32 -23.94
CA GLU A 260 -12.98 27.71 -24.00
C GLU A 260 -14.06 28.64 -23.46
N LYS A 261 -14.78 28.18 -22.45
CA LYS A 261 -15.85 28.95 -21.85
C LYS A 261 -15.31 30.23 -21.23
N ASP A 262 -16.23 31.11 -20.82
CA ASP A 262 -15.85 32.32 -20.10
C ASP A 262 -16.40 32.17 -18.69
N SER A 263 -17.59 31.59 -18.62
CA SER A 263 -18.16 31.21 -17.35
C SER A 263 -17.86 29.72 -17.14
N TRP A 264 -17.34 29.39 -15.98
CA TRP A 264 -16.99 28.03 -15.67
C TRP A 264 -17.82 27.49 -14.52
N THR A 265 -18.30 26.25 -14.65
CA THR A 265 -18.96 25.58 -13.53
C THR A 265 -18.15 24.38 -13.03
N VAL A 266 -18.56 23.84 -11.87
CA VAL A 266 -17.91 22.67 -11.26
C VAL A 266 -17.71 21.56 -12.28
N ASN A 267 -18.80 21.13 -12.88
CA ASN A 267 -18.78 20.11 -13.91
C ASN A 267 -17.90 20.50 -15.11
N ASP A 268 -17.58 21.78 -15.25
CA ASP A 268 -16.75 22.21 -16.36
C ASP A 268 -15.28 22.07 -16.04
N ILE A 269 -14.93 22.41 -14.79
CA ILE A 269 -13.54 22.32 -14.37
C ILE A 269 -13.13 20.86 -14.27
N CYS A 270 -14.00 20.05 -13.67
CA CYS A 270 -13.81 18.60 -13.67
C CYS A 270 -13.51 18.08 -15.07
N LYS A 271 -14.17 18.63 -16.09
CA LYS A 271 -13.89 18.21 -17.45
C LYS A 271 -12.50 18.67 -17.83
N LEU A 272 -12.07 19.75 -17.20
CA LEU A 272 -10.77 20.31 -17.51
C LEU A 272 -9.69 19.61 -16.69
N VAL A 273 -9.96 19.40 -15.40
CA VAL A 273 -9.06 18.62 -14.54
C VAL A 273 -8.77 17.27 -15.21
N GLY A 274 -9.84 16.52 -15.46
CA GLY A 274 -9.77 15.21 -16.08
C GLY A 274 -8.96 15.19 -17.36
N LYS A 275 -9.22 16.16 -18.23
CA LYS A 275 -8.54 16.15 -19.52
C LYS A 275 -7.08 16.52 -19.37
N LEU A 276 -6.76 17.32 -18.37
CA LEU A 276 -5.38 17.72 -18.17
C LEU A 276 -4.59 16.52 -17.69
N ASN A 277 -5.11 15.89 -16.63
CA ASN A 277 -4.61 14.64 -16.11
C ASN A 277 -4.30 13.62 -17.23
N TRP A 278 -5.28 13.36 -18.09
CA TRP A 278 -5.06 12.51 -19.25
C TRP A 278 -3.91 13.01 -20.13
N ALA A 279 -3.79 14.32 -20.31
CA ALA A 279 -2.71 14.83 -21.15
C ALA A 279 -1.35 14.64 -20.50
N SER A 280 -1.35 14.62 -19.16
CA SER A 280 -0.10 14.71 -18.41
C SER A 280 0.75 13.46 -18.57
N GLN A 281 0.20 12.44 -19.20
CA GLN A 281 0.91 11.20 -19.45
C GLN A 281 1.97 11.35 -20.53
N ILE A 282 1.88 12.41 -21.32
CA ILE A 282 2.86 12.60 -22.40
C ILE A 282 3.28 14.08 -22.57
N TYR A 283 2.46 15.01 -22.10
CA TYR A 283 2.81 16.43 -22.09
C TYR A 283 3.50 16.81 -20.80
N PRO A 284 4.83 17.01 -20.83
CA PRO A 284 5.53 17.36 -19.59
C PRO A 284 5.12 18.75 -19.09
N GLY A 285 5.01 18.92 -17.78
CA GLY A 285 4.76 20.23 -17.20
C GLY A 285 3.38 20.56 -16.69
N ILE A 286 2.37 19.76 -17.06
CA ILE A 286 0.99 20.07 -16.72
C ILE A 286 0.80 20.25 -15.22
N LYS A 287 -0.05 21.21 -14.83
CA LYS A 287 -0.32 21.48 -13.42
C LYS A 287 -1.80 21.73 -13.22
N VAL A 288 -2.37 21.30 -12.09
CA VAL A 288 -3.80 21.45 -11.87
C VAL A 288 -4.16 21.75 -10.41
N ARG A 289 -3.21 22.29 -9.67
CA ARG A 289 -3.42 22.58 -8.26
C ARG A 289 -4.51 23.60 -8.05
N GLN A 290 -4.33 24.76 -8.67
CA GLN A 290 -5.21 25.89 -8.41
C GLN A 290 -6.63 25.65 -8.92
N LEU A 291 -6.72 25.08 -10.13
CA LEU A 291 -7.98 24.61 -10.68
C LEU A 291 -8.67 23.67 -9.71
N SER A 292 -7.92 22.75 -9.12
CA SER A 292 -8.49 21.79 -8.20
C SER A 292 -8.96 22.44 -6.89
N LYS A 293 -8.20 23.40 -6.37
CA LYS A 293 -8.55 24.04 -5.11
C LYS A 293 -9.92 24.71 -5.22
N LEU A 294 -10.32 25.04 -6.45
CA LEU A 294 -11.64 25.58 -6.71
C LEU A 294 -12.77 24.65 -6.24
N LEU A 295 -12.63 23.35 -6.48
CA LEU A 295 -13.73 22.43 -6.25
C LEU A 295 -13.88 21.99 -4.81
N ARG A 296 -13.85 22.93 -3.86
CA ARG A 296 -13.81 22.52 -2.46
C ARG A 296 -15.07 22.77 -1.63
N GLY A 297 -15.65 23.95 -1.74
CA GLY A 297 -16.82 24.28 -0.93
C GLY A 297 -18.10 23.69 -1.49
N THR A 298 -18.12 23.59 -2.82
CA THR A 298 -19.22 23.06 -3.61
C THR A 298 -19.97 21.90 -2.97
N LYS A 299 -21.30 21.91 -3.10
CA LYS A 299 -22.12 20.80 -2.64
C LYS A 299 -22.87 20.15 -3.80
N ALA A 300 -22.84 20.79 -4.97
CA ALA A 300 -23.55 20.24 -6.14
C ALA A 300 -22.92 20.72 -7.45
N LEU A 301 -23.17 19.98 -8.53
CA LEU A 301 -22.33 20.07 -9.73
C LEU A 301 -22.53 21.32 -10.58
N THR A 302 -23.60 22.06 -10.29
CA THR A 302 -24.08 23.11 -11.18
C THR A 302 -23.42 24.48 -10.94
N GLU A 303 -23.00 24.72 -9.70
CA GLU A 303 -22.33 25.94 -9.24
C GLU A 303 -21.34 26.52 -10.23
N VAL A 304 -21.35 27.84 -10.40
CA VAL A 304 -20.27 28.44 -11.19
C VAL A 304 -19.28 29.02 -10.21
N ILE A 305 -18.05 29.22 -10.70
CA ILE A 305 -16.94 29.52 -9.84
C ILE A 305 -16.04 30.52 -10.56
N PRO A 306 -15.61 31.54 -9.81
CA PRO A 306 -14.63 32.56 -10.20
C PRO A 306 -13.25 31.96 -10.43
N LEU A 307 -12.79 31.99 -11.68
CA LEU A 307 -11.47 31.46 -11.98
C LEU A 307 -10.37 32.35 -11.40
N THR A 308 -10.05 32.12 -10.12
CA THR A 308 -8.99 32.87 -9.41
C THR A 308 -7.77 33.06 -10.29
N GLU A 309 -7.09 34.19 -10.11
CA GLU A 309 -5.96 34.57 -10.95
C GLU A 309 -4.93 33.45 -10.98
N GLU A 310 -4.76 32.85 -9.81
CA GLU A 310 -3.85 31.73 -9.62
C GLU A 310 -4.24 30.59 -10.58
N ALA A 311 -5.54 30.36 -10.71
CA ALA A 311 -6.08 29.31 -11.58
C ALA A 311 -6.14 29.72 -13.05
N GLU A 312 -6.62 30.93 -13.32
CA GLU A 312 -6.75 31.41 -14.70
C GLU A 312 -5.38 31.43 -15.33
N LEU A 313 -4.36 31.72 -14.52
CA LEU A 313 -3.01 31.77 -15.03
C LEU A 313 -2.53 30.37 -15.36
N GLU A 314 -2.84 29.42 -14.50
CA GLU A 314 -2.44 28.02 -14.68
C GLU A 314 -2.92 27.51 -16.02
N LEU A 315 -4.23 27.61 -16.22
CA LEU A 315 -4.91 27.30 -17.46
C LEU A 315 -4.09 27.64 -18.70
N ALA A 316 -3.65 28.90 -18.77
CA ALA A 316 -2.90 29.35 -19.92
C ALA A 316 -1.56 28.64 -20.05
N GLU A 317 -0.95 28.30 -18.92
CA GLU A 317 0.37 27.67 -18.92
C GLU A 317 0.22 26.30 -19.58
N ASN A 318 -0.73 25.53 -19.05
CA ASN A 318 -1.13 24.26 -19.62
C ASN A 318 -1.54 24.44 -21.06
N ARG A 319 -2.47 25.39 -21.28
CA ARG A 319 -3.01 25.62 -22.61
C ARG A 319 -1.89 25.87 -23.62
N GLU A 320 -0.81 26.45 -23.14
CA GLU A 320 0.33 26.73 -23.99
C GLU A 320 1.14 25.47 -24.30
N ILE A 321 1.39 24.62 -23.31
CA ILE A 321 2.23 23.46 -23.54
C ILE A 321 1.54 22.42 -24.46
N LEU A 322 0.20 22.43 -24.49
CA LEU A 322 -0.56 21.57 -25.40
C LEU A 322 -0.34 21.86 -26.90
N LYS A 323 -0.15 23.13 -27.23
CA LYS A 323 0.00 23.54 -28.62
C LYS A 323 1.22 22.88 -29.26
N GLU A 324 2.27 22.64 -28.48
CA GLU A 324 3.47 22.00 -28.99
C GLU A 324 3.21 20.51 -29.28
N PRO A 325 3.92 19.94 -30.28
CA PRO A 325 3.74 18.56 -30.71
C PRO A 325 4.57 17.59 -29.87
N VAL A 326 4.08 16.37 -29.70
CA VAL A 326 4.62 15.53 -28.64
C VAL A 326 4.42 14.03 -28.87
N HIS A 327 5.38 13.23 -28.41
CA HIS A 327 5.32 11.80 -28.65
C HIS A 327 6.18 11.00 -27.69
N GLY A 328 5.72 9.80 -27.38
CA GLY A 328 6.51 8.91 -26.58
C GLY A 328 7.16 7.92 -27.50
N VAL A 329 8.07 7.13 -26.95
CA VAL A 329 8.62 5.99 -27.67
C VAL A 329 8.23 4.66 -27.02
N TYR A 330 8.78 3.58 -27.52
CA TYR A 330 8.42 2.27 -27.05
C TYR A 330 9.53 1.76 -26.15
N TYR A 331 9.35 0.55 -25.63
CA TYR A 331 10.23 0.04 -24.61
C TYR A 331 11.27 -0.94 -25.18
N ASP A 332 12.52 -0.66 -24.83
CA ASP A 332 13.66 -1.52 -25.11
C ASP A 332 14.10 -2.14 -23.80
N PRO A 333 13.73 -3.40 -23.57
CA PRO A 333 14.00 -4.15 -22.34
C PRO A 333 15.48 -4.26 -22.03
N SER A 334 16.32 -3.99 -23.02
CA SER A 334 17.75 -4.16 -22.89
C SER A 334 18.48 -2.89 -22.50
N LYS A 335 17.73 -1.80 -22.30
CA LYS A 335 18.27 -0.57 -21.73
C LYS A 335 17.64 -0.35 -20.37
N ASP A 336 18.04 0.72 -19.70
CA ASP A 336 17.51 0.99 -18.37
C ASP A 336 16.32 1.91 -18.43
N LEU A 337 15.53 1.90 -17.37
CA LEU A 337 14.47 2.88 -17.20
C LEU A 337 15.01 4.01 -16.37
N ILE A 338 14.74 5.23 -16.79
CA ILE A 338 15.17 6.37 -16.02
C ILE A 338 14.02 7.29 -15.77
N ALA A 339 13.80 7.61 -14.50
CA ALA A 339 12.80 8.59 -14.13
C ALA A 339 13.51 9.81 -13.60
N GLU A 340 13.06 10.97 -14.03
CA GLU A 340 13.70 12.22 -13.73
C GLU A 340 12.59 13.09 -13.19
N ILE A 341 12.74 13.63 -11.98
CA ILE A 341 11.66 14.38 -11.37
C ILE A 341 11.97 15.87 -11.33
N GLN A 342 10.96 16.71 -11.49
CA GLN A 342 11.16 18.15 -11.38
C GLN A 342 10.12 18.74 -10.43
N LYS A 343 10.51 19.76 -9.69
CA LYS A 343 9.61 20.40 -8.76
C LYS A 343 8.96 21.63 -9.36
N GLN A 344 7.66 21.82 -9.09
CA GLN A 344 6.87 22.91 -9.69
C GLN A 344 6.19 23.83 -8.65
N GLY A 345 6.49 23.65 -7.37
CA GLY A 345 5.95 24.51 -6.32
C GLY A 345 4.54 24.13 -5.89
N GLN A 346 4.14 24.58 -4.69
CA GLN A 346 2.81 24.27 -4.13
C GLN A 346 2.52 22.79 -4.05
N GLY A 347 3.56 21.98 -3.90
CA GLY A 347 3.38 20.56 -3.70
C GLY A 347 3.03 19.89 -5.01
N GLN A 348 3.68 20.37 -6.07
CA GLN A 348 3.42 19.90 -7.42
C GLN A 348 4.70 19.41 -8.04
N TRP A 349 4.63 18.25 -8.68
CA TRP A 349 5.79 17.56 -9.17
C TRP A 349 5.51 16.98 -10.53
N THR A 350 6.50 17.04 -11.41
CA THR A 350 6.32 16.53 -12.75
C THR A 350 7.46 15.57 -13.01
N TYR A 351 7.26 14.57 -13.88
CA TYR A 351 8.34 13.65 -14.16
C TYR A 351 8.33 13.15 -15.59
N GLN A 352 9.46 12.57 -15.98
CA GLN A 352 9.60 12.03 -17.32
C GLN A 352 10.38 10.74 -17.23
N ILE A 353 9.96 9.75 -18.00
CA ILE A 353 10.61 8.45 -17.92
C ILE A 353 11.17 8.12 -19.29
N TYR A 354 12.41 7.67 -19.33
CA TYR A 354 13.10 7.47 -20.59
C TYR A 354 14.22 6.49 -20.48
N GLN A 355 14.78 6.13 -21.64
CA GLN A 355 15.90 5.22 -21.66
C GLN A 355 17.07 5.92 -22.33
N GLU A 356 16.71 6.84 -23.25
CA GLU A 356 17.65 7.68 -23.99
C GLU A 356 17.19 9.12 -23.88
N PRO A 357 18.14 10.05 -23.67
CA PRO A 357 17.79 11.42 -23.30
C PRO A 357 16.94 12.12 -24.35
N PHE A 358 15.90 12.82 -23.87
CA PHE A 358 14.96 13.57 -24.73
C PHE A 358 14.08 12.66 -25.58
N LYS A 359 14.20 11.36 -25.35
CA LYS A 359 13.22 10.42 -25.89
C LYS A 359 12.36 9.80 -24.77
N ASN A 360 11.33 10.54 -24.36
CA ASN A 360 10.44 10.05 -23.32
C ASN A 360 9.65 8.78 -23.66
N LEU A 361 9.62 7.85 -22.71
CA LEU A 361 8.65 6.78 -22.75
C LEU A 361 7.29 7.36 -22.40
N LYS A 362 7.26 8.12 -21.32
CA LYS A 362 6.05 8.81 -20.92
C LYS A 362 6.40 9.85 -19.87
N THR A 363 5.39 10.61 -19.45
CA THR A 363 5.57 11.62 -18.43
C THR A 363 4.44 11.50 -17.39
N GLY A 364 4.51 12.29 -16.33
CA GLY A 364 3.40 12.36 -15.39
C GLY A 364 3.53 13.55 -14.45
N LYS A 365 2.55 13.69 -13.57
CA LYS A 365 2.59 14.66 -12.49
C LYS A 365 2.30 13.97 -11.17
N TYR A 366 2.77 14.55 -10.07
CA TYR A 366 2.31 14.12 -8.75
C TYR A 366 1.95 15.39 -7.95
N ALA A 367 0.87 15.35 -7.21
CA ALA A 367 0.38 16.58 -6.62
C ALA A 367 -0.42 16.37 -5.36
N ARG A 368 -0.34 15.16 -4.81
CA ARG A 368 -1.19 14.83 -3.69
C ARG A 368 -0.65 15.49 -2.44
N MET A 369 -1.53 16.10 -1.66
CA MET A 369 -1.09 16.56 -0.35
C MET A 369 -1.49 15.55 0.71
N ARG A 370 -0.49 14.96 1.33
CA ARG A 370 -0.66 13.99 2.39
C ARG A 370 -0.17 14.59 3.69
N GLY A 371 -1.07 14.73 4.65
CA GLY A 371 -0.72 15.32 5.93
C GLY A 371 -1.15 16.77 6.07
N ALA A 372 -1.56 17.13 7.27
CA ALA A 372 -1.72 18.52 7.67
C ALA A 372 -0.42 19.33 7.44
N HIS A 373 0.72 18.70 7.68
CA HIS A 373 2.02 19.35 7.65
C HIS A 373 3.03 18.42 6.99
N THR A 374 3.87 18.98 6.15
CA THR A 374 4.83 18.21 5.39
C THR A 374 5.97 19.14 4.90
N ASN A 375 6.99 18.53 4.32
CA ASN A 375 8.06 19.27 3.70
C ASN A 375 8.32 18.67 2.33
N ASP A 376 9.27 19.23 1.59
CA ASP A 376 9.52 18.82 0.22
C ASP A 376 10.29 17.51 0.13
N VAL A 377 11.01 17.12 1.17
CA VAL A 377 11.67 15.81 1.11
C VAL A 377 10.64 14.66 1.16
N LYS A 378 9.64 14.78 2.03
CA LYS A 378 8.55 13.79 2.08
C LYS A 378 7.81 13.69 0.77
N GLN A 379 7.42 14.84 0.23
CA GLN A 379 6.65 14.85 -1.02
C GLN A 379 7.46 14.22 -2.17
N LEU A 380 8.76 14.50 -2.22
CA LEU A 380 9.60 13.89 -3.24
C LEU A 380 9.64 12.37 -3.03
N THR A 381 9.68 11.96 -1.76
CA THR A 381 9.72 10.53 -1.45
C THR A 381 8.39 9.87 -1.85
N GLU A 382 7.31 10.63 -1.79
CA GLU A 382 6.03 10.12 -2.26
C GLU A 382 5.93 10.06 -3.79
N ALA A 383 6.56 11.01 -4.47
CA ALA A 383 6.53 10.96 -5.92
C ALA A 383 7.32 9.75 -6.41
N VAL A 384 8.42 9.44 -5.72
CA VAL A 384 9.27 8.30 -6.06
C VAL A 384 8.49 7.02 -5.87
N GLN A 385 7.75 6.96 -4.78
CA GLN A 385 6.96 5.76 -4.51
C GLN A 385 5.92 5.58 -5.62
N LYS A 386 5.21 6.65 -5.96
CA LYS A 386 4.19 6.57 -6.98
C LYS A 386 4.79 6.09 -8.30
N ILE A 387 5.84 6.77 -8.74
CA ILE A 387 6.50 6.43 -9.98
C ILE A 387 7.04 4.99 -9.99
N THR A 388 7.47 4.51 -8.84
CA THR A 388 8.00 3.16 -8.76
C THR A 388 6.89 2.15 -8.99
N THR A 389 5.73 2.41 -8.40
CA THR A 389 4.60 1.50 -8.50
C THR A 389 4.05 1.50 -9.91
N GLU A 390 4.04 2.67 -10.50
CA GLU A 390 3.49 2.82 -11.83
C GLU A 390 4.41 2.13 -12.82
N SER A 391 5.71 2.26 -12.60
CA SER A 391 6.67 1.61 -13.45
C SER A 391 6.59 0.12 -13.31
N ILE A 392 6.19 -0.38 -12.14
CA ILE A 392 6.20 -1.82 -11.99
C ILE A 392 5.01 -2.37 -12.77
N VAL A 393 3.89 -1.65 -12.73
CA VAL A 393 2.74 -2.01 -13.53
C VAL A 393 3.08 -2.04 -15.04
N ILE A 394 3.72 -1.00 -15.53
CA ILE A 394 3.92 -0.87 -16.97
C ILE A 394 5.11 -1.68 -17.50
N TRP A 395 6.25 -1.61 -16.82
CA TRP A 395 7.44 -2.28 -17.34
C TRP A 395 7.88 -3.45 -16.50
N GLY A 396 7.26 -3.64 -15.35
CA GLY A 396 7.61 -4.77 -14.50
C GLY A 396 8.95 -4.64 -13.80
N LYS A 397 9.46 -3.42 -13.72
CA LYS A 397 10.71 -3.19 -13.00
C LYS A 397 10.75 -1.75 -12.54
N THR A 398 11.66 -1.48 -11.62
CA THR A 398 11.86 -0.17 -11.03
C THR A 398 12.79 0.67 -11.90
N PRO A 399 12.53 1.97 -12.03
CA PRO A 399 13.49 2.77 -12.77
C PRO A 399 14.63 3.27 -11.90
N LYS A 400 15.66 3.77 -12.54
CA LYS A 400 16.70 4.53 -11.88
C LYS A 400 16.26 5.98 -11.84
N PHE A 401 16.53 6.66 -10.72
CA PHE A 401 16.02 8.01 -10.57
C PHE A 401 17.09 9.08 -10.72
N LYS A 402 16.62 10.26 -11.13
CA LYS A 402 17.41 11.47 -11.29
C LYS A 402 16.63 12.54 -10.53
N LEU A 403 17.17 13.04 -9.42
CA LEU A 403 16.37 13.87 -8.52
C LEU A 403 17.04 15.19 -8.12
N PRO A 404 16.27 16.27 -8.08
CA PRO A 404 16.79 17.59 -7.67
C PRO A 404 17.08 17.71 -6.16
N ILE A 405 17.93 16.84 -5.63
CA ILE A 405 18.23 16.86 -4.20
C ILE A 405 19.62 16.31 -3.94
N GLN A 406 20.37 17.02 -3.09
CA GLN A 406 21.76 16.67 -2.82
C GLN A 406 21.88 15.35 -2.09
N LYS A 407 22.83 14.53 -2.48
CA LYS A 407 23.04 13.24 -1.82
C LYS A 407 23.20 13.44 -0.33
N GLU A 408 23.58 14.65 0.04
CA GLU A 408 23.90 14.98 1.42
C GLU A 408 22.70 15.57 2.15
N THR A 409 21.84 16.27 1.42
CA THR A 409 20.57 16.71 1.97
C THR A 409 19.72 15.50 2.35
N TRP A 410 19.69 14.53 1.44
CA TRP A 410 18.97 13.31 1.68
C TRP A 410 19.52 12.63 2.93
N GLU A 411 20.83 12.44 3.03
CA GLU A 411 21.38 11.68 4.15
C GLU A 411 21.15 12.36 5.50
N THR A 412 21.25 13.70 5.53
CA THR A 412 20.84 14.47 6.70
C THR A 412 19.42 14.09 7.14
N TRP A 413 18.50 14.08 6.16
CA TRP A 413 17.11 13.79 6.45
C TRP A 413 16.91 12.38 6.94
N TRP A 414 17.50 11.43 6.23
CA TRP A 414 17.42 10.01 6.54
C TRP A 414 17.99 9.73 7.91
N THR A 415 19.02 10.48 8.29
CA THR A 415 19.66 10.31 9.59
C THR A 415 18.73 10.75 10.71
N GLU A 416 18.43 12.04 10.75
CA GLU A 416 17.58 12.64 11.80
C GLU A 416 16.14 12.07 11.89
N TYR A 417 15.50 11.78 10.76
CA TYR A 417 14.10 11.33 10.72
C TYR A 417 13.85 10.00 11.41
N TRP A 418 12.75 9.90 12.15
CA TRP A 418 12.52 8.71 12.98
C TRP A 418 11.80 7.58 12.26
N GLN A 419 11.33 7.82 11.05
CA GLN A 419 10.66 6.78 10.28
C GLN A 419 11.64 6.10 9.34
N ALA A 420 11.36 4.85 9.00
CA ALA A 420 12.09 4.21 7.93
C ALA A 420 11.64 4.90 6.66
N THR A 421 12.59 5.38 5.88
CA THR A 421 12.26 6.02 4.63
C THR A 421 13.41 5.72 3.69
N TRP A 422 13.14 5.53 2.41
CA TRP A 422 14.21 5.11 1.50
C TRP A 422 13.88 5.44 0.07
N ILE A 423 14.92 5.64 -0.70
CA ILE A 423 14.78 5.93 -2.12
C ILE A 423 15.69 4.99 -2.88
N PRO A 424 15.16 4.35 -3.93
CA PRO A 424 15.97 3.41 -4.70
C PRO A 424 17.04 4.16 -5.46
N GLU A 425 17.90 3.42 -6.16
CA GLU A 425 19.10 3.97 -6.78
C GLU A 425 18.89 5.29 -7.51
N TRP A 426 19.68 6.31 -7.15
CA TRP A 426 19.44 7.63 -7.71
C TRP A 426 20.70 8.49 -7.72
N GLU A 427 20.76 9.43 -8.66
CA GLU A 427 21.82 10.44 -8.73
C GLU A 427 21.21 11.83 -8.74
N PHE A 428 21.96 12.80 -8.26
CA PHE A 428 21.49 14.18 -8.20
C PHE A 428 21.54 14.84 -9.56
N VAL A 429 20.63 15.77 -9.77
CA VAL A 429 20.52 16.51 -11.01
C VAL A 429 20.36 18.00 -10.71
N ASN A 430 21.36 18.86 -10.94
CA ASN A 430 21.15 20.23 -10.46
C ASN A 430 20.28 21.05 -11.38
N THR A 431 19.03 20.63 -11.50
CA THR A 431 18.02 21.38 -12.22
C THR A 431 17.07 22.02 -11.23
N PRO A 432 17.32 23.26 -10.78
CA PRO A 432 16.40 23.83 -9.80
C PRO A 432 15.01 23.91 -10.28
N PRO A 433 14.18 24.12 -9.36
CA PRO A 433 14.40 24.40 -7.95
C PRO A 433 14.83 23.17 -7.13
N LEU A 434 16.04 23.17 -6.58
CA LEU A 434 16.53 22.06 -5.75
C LEU A 434 15.71 21.88 -4.46
N VAL A 435 15.49 20.62 -4.10
CA VAL A 435 14.79 20.28 -2.87
C VAL A 435 15.72 20.43 -1.68
N LYS A 436 15.27 21.16 -0.66
CA LYS A 436 16.14 21.42 0.49
C LYS A 436 15.36 21.47 1.80
N LEU A 437 16.07 21.18 2.89
CA LEU A 437 15.53 21.36 4.23
C LEU A 437 15.75 22.81 4.68
N TRP A 438 14.69 23.44 5.16
CA TRP A 438 14.69 24.88 5.33
C TRP A 438 15.17 25.36 6.71
N TYR A 439 15.30 24.43 7.64
CA TYR A 439 15.87 24.73 8.94
C TYR A 439 16.20 23.43 9.61
N GLN A 440 17.03 23.50 10.65
CA GLN A 440 17.45 22.33 11.37
C GLN A 440 17.38 22.62 12.85
N LEU A 441 16.64 21.80 13.57
CA LEU A 441 16.67 21.86 15.02
C LEU A 441 18.03 21.39 15.58
N GLU A 442 18.53 22.11 16.58
CA GLU A 442 19.77 21.70 17.23
C GLU A 442 19.60 20.37 17.96
N LYS A 443 20.70 19.64 18.05
CA LYS A 443 20.72 18.40 18.81
C LYS A 443 21.07 18.65 20.27
N GLU A 444 21.79 19.74 20.55
CA GLU A 444 22.18 20.09 21.92
C GLU A 444 21.66 21.46 22.26
N PRO A 445 21.42 21.74 23.55
CA PRO A 445 20.91 23.06 23.93
C PRO A 445 21.94 24.14 23.64
N ILE A 446 21.50 25.37 23.39
CA ILE A 446 22.39 26.41 22.91
C ILE A 446 22.94 27.31 24.01
N VAL A 447 24.25 27.34 24.12
CA VAL A 447 24.93 28.26 25.02
C VAL A 447 24.73 29.72 24.61
N GLY A 448 24.33 30.56 25.56
CA GLY A 448 24.20 31.96 25.28
C GLY A 448 22.92 32.23 24.53
N ALA A 449 22.03 31.24 24.52
CA ALA A 449 20.69 31.47 24.02
C ALA A 449 19.71 31.50 25.16
N GLU A 450 18.83 32.48 25.17
CA GLU A 450 17.84 32.63 26.21
C GLU A 450 16.92 31.39 26.26
N THR A 451 16.64 30.89 27.45
CA THR A 451 15.74 29.75 27.56
C THR A 451 14.29 30.16 27.78
N PHE A 452 13.42 29.81 26.84
CA PHE A 452 11.99 30.04 27.01
C PHE A 452 11.25 28.77 27.49
N TYR A 453 10.52 28.89 28.60
CA TYR A 453 9.57 27.88 29.02
C TYR A 453 8.18 28.30 28.61
N VAL A 454 7.65 27.64 27.59
CA VAL A 454 6.33 27.99 27.07
C VAL A 454 5.25 27.03 27.54
N ASP A 455 4.00 27.46 27.38
CA ASP A 455 2.86 26.64 27.73
C ASP A 455 1.59 27.31 27.27
N GLY A 456 0.55 26.50 27.09
CA GLY A 456 -0.78 27.02 26.84
C GLY A 456 -1.83 26.20 27.58
N ALA A 457 -2.96 26.84 27.90
CA ALA A 457 -4.14 26.13 28.40
C ALA A 457 -5.39 26.67 27.72
N ALA A 458 -6.40 25.83 27.58
CA ALA A 458 -7.69 26.27 27.04
C ALA A 458 -8.85 25.73 27.85
N ASN A 459 -9.98 26.42 27.78
CA ASN A 459 -11.19 25.96 28.46
C ASN A 459 -12.16 25.34 27.46
N ARG A 460 -12.51 24.08 27.66
CA ARG A 460 -13.40 23.35 26.74
C ARG A 460 -14.80 23.95 26.73
N GLU A 461 -15.23 24.45 27.89
CA GLU A 461 -16.49 25.16 28.05
C GLU A 461 -16.58 26.44 27.19
N THR A 462 -15.72 27.41 27.52
CA THR A 462 -15.81 28.77 26.99
C THR A 462 -15.04 28.97 25.69
N LYS A 463 -14.16 28.03 25.39
CA LYS A 463 -13.23 28.12 24.27
C LYS A 463 -12.18 29.23 24.45
N LEU A 464 -12.08 29.78 25.66
CA LEU A 464 -11.09 30.81 25.95
C LEU A 464 -9.75 30.21 26.37
N GLY A 465 -8.66 30.87 26.01
CA GLY A 465 -7.35 30.34 26.31
C GLY A 465 -6.27 31.33 26.67
N LYS A 466 -5.11 30.79 26.99
CA LYS A 466 -3.92 31.59 27.19
C LYS A 466 -2.68 30.87 26.68
N ALA A 467 -1.73 31.65 26.20
CA ALA A 467 -0.44 31.16 25.76
C ALA A 467 0.57 32.14 26.30
N GLY A 468 1.70 31.64 26.77
CA GLY A 468 2.69 32.54 27.29
C GLY A 468 4.04 31.89 27.50
N TYR A 469 4.97 32.65 28.02
CA TYR A 469 6.26 32.06 28.33
C TYR A 469 6.80 32.69 29.58
N VAL A 470 7.85 32.07 30.09
CA VAL A 470 8.63 32.63 31.17
C VAL A 470 10.06 32.34 30.73
N THR A 471 11.01 33.26 30.92
CA THR A 471 12.37 33.00 30.45
C THR A 471 13.40 33.08 31.55
N ASN A 472 14.54 32.41 31.39
CA ASN A 472 15.53 32.42 32.46
C ASN A 472 16.12 33.81 32.74
N ARG A 473 15.93 34.74 31.82
CA ARG A 473 16.42 36.10 32.04
C ARG A 473 15.37 36.99 32.69
N GLY A 474 14.23 36.42 33.05
CA GLY A 474 13.25 37.16 33.80
C GLY A 474 12.06 37.67 33.01
N ARG A 475 12.06 37.43 31.70
CA ARG A 475 10.97 37.87 30.84
C ARG A 475 9.75 36.99 31.03
N GLN A 476 8.57 37.58 30.95
CA GLN A 476 7.35 36.82 31.13
C GLN A 476 6.24 37.46 30.33
N LYS A 477 5.59 36.69 29.47
CA LYS A 477 4.46 37.20 28.70
C LYS A 477 3.32 36.21 28.69
N VAL A 478 2.10 36.71 28.79
CA VAL A 478 0.94 35.89 28.68
C VAL A 478 -0.04 36.54 27.71
N VAL A 479 -0.44 35.81 26.68
CA VAL A 479 -1.44 36.30 25.72
C VAL A 479 -2.78 35.56 25.85
N THR A 480 -3.88 36.29 25.98
CA THR A 480 -5.20 35.66 26.01
C THR A 480 -5.74 35.43 24.60
N LEU A 481 -6.31 34.27 24.37
CA LEU A 481 -6.84 33.91 23.06
C LEU A 481 -8.34 33.61 23.14
N THR A 482 -9.04 33.80 22.02
CA THR A 482 -10.45 33.41 21.97
C THR A 482 -10.72 32.36 20.92
N ASP A 483 -11.73 31.55 21.19
CA ASP A 483 -12.18 30.51 20.28
C ASP A 483 -11.05 29.57 19.92
N THR A 484 -10.36 29.09 20.94
CA THR A 484 -9.16 28.33 20.71
C THR A 484 -9.28 26.91 21.24
N THR A 485 -8.23 26.14 21.03
CA THR A 485 -8.19 24.78 21.51
C THR A 485 -6.89 24.59 22.23
N ASN A 486 -6.84 23.57 23.07
CA ASN A 486 -5.68 23.28 23.85
C ASN A 486 -4.42 23.14 23.01
N GLN A 487 -4.50 22.35 21.95
CA GLN A 487 -3.37 22.15 21.07
C GLN A 487 -2.93 23.47 20.45
N LYS A 488 -3.89 24.33 20.14
CA LYS A 488 -3.60 25.61 19.51
C LYS A 488 -2.84 26.53 20.46
N THR A 489 -3.26 26.58 21.72
CA THR A 489 -2.62 27.47 22.66
C THR A 489 -1.17 27.05 22.79
N GLU A 490 -0.95 25.75 22.59
CA GLU A 490 0.34 25.14 22.81
C GLU A 490 1.31 25.54 21.69
N LEU A 491 0.76 25.70 20.50
CA LEU A 491 1.48 26.16 19.33
C LEU A 491 1.64 27.68 19.36
N GLN A 492 0.60 28.36 19.84
CA GLN A 492 0.64 29.79 20.05
C GLN A 492 1.83 30.19 20.94
N ALA A 493 2.04 29.46 22.04
CA ALA A 493 3.11 29.76 22.98
C ALA A 493 4.48 29.59 22.31
N ILE A 494 4.63 28.54 21.53
CA ILE A 494 5.89 28.32 20.84
C ILE A 494 6.14 29.47 19.86
N TYR A 495 5.09 29.87 19.16
CA TYR A 495 5.15 30.97 18.19
C TYR A 495 5.54 32.26 18.86
N LEU A 496 5.02 32.45 20.06
CA LEU A 496 5.26 33.65 20.84
C LEU A 496 6.74 33.68 21.27
N ALA A 497 7.27 32.53 21.66
CA ALA A 497 8.66 32.49 22.07
C ALA A 497 9.55 32.76 20.85
N LEU A 498 9.13 32.30 19.69
CA LEU A 498 9.91 32.54 18.49
C LEU A 498 9.88 34.03 18.17
N GLN A 499 8.77 34.69 18.46
CA GLN A 499 8.61 36.07 18.08
C GLN A 499 9.43 37.00 18.96
N ASP A 500 9.52 36.70 20.25
CA ASP A 500 10.17 37.60 21.17
C ASP A 500 11.61 37.22 21.48
N SER A 501 12.17 36.24 20.77
CA SER A 501 13.57 35.85 21.03
C SER A 501 14.54 36.32 19.94
N GLY A 502 15.82 36.27 20.24
CA GLY A 502 16.82 36.68 19.29
C GLY A 502 16.98 35.59 18.29
N LEU A 503 18.09 35.60 17.56
CA LEU A 503 18.33 34.67 16.49
C LEU A 503 18.75 33.30 17.00
N GLU A 504 18.90 33.18 18.31
CA GLU A 504 19.13 31.87 18.94
C GLU A 504 18.25 31.73 20.15
N VAL A 505 17.56 30.59 20.24
CA VAL A 505 16.58 30.40 21.32
C VAL A 505 16.49 28.92 21.75
N ASN A 506 16.45 28.71 23.07
CA ASN A 506 16.11 27.42 23.63
C ASN A 506 14.65 27.48 24.00
N ILE A 507 13.86 26.53 23.52
CA ILE A 507 12.46 26.50 23.93
C ILE A 507 12.14 25.15 24.60
N VAL A 508 11.60 25.22 25.81
CA VAL A 508 11.13 24.02 26.49
C VAL A 508 9.60 23.95 26.52
N THR A 509 9.08 22.87 25.98
CA THR A 509 7.63 22.67 25.91
C THR A 509 7.22 21.34 26.56
N ASP A 510 5.95 21.22 26.93
CA ASP A 510 5.48 19.93 27.42
C ASP A 510 4.45 19.31 26.48
N SER A 511 4.42 19.81 25.26
CA SER A 511 3.49 19.35 24.24
C SER A 511 4.07 18.35 23.27
N GLN A 512 3.63 17.09 23.36
CA GLN A 512 4.01 16.11 22.34
C GLN A 512 3.42 16.53 21.01
N TYR A 513 2.20 17.06 21.04
CA TYR A 513 1.56 17.53 19.83
C TYR A 513 2.45 18.51 19.07
N ALA A 514 2.89 19.59 19.73
CA ALA A 514 3.70 20.62 19.09
C ALA A 514 5.09 20.12 18.73
N LEU A 515 5.74 19.42 19.66
CA LEU A 515 7.06 18.88 19.40
C LEU A 515 7.05 17.93 18.21
N GLY A 516 6.01 17.10 18.11
CA GLY A 516 5.86 16.20 17.00
C GLY A 516 5.78 16.88 15.65
N ILE A 517 5.05 17.99 15.56
CA ILE A 517 4.99 18.71 14.30
C ILE A 517 6.33 19.35 13.93
N ILE A 518 6.91 20.10 14.86
CA ILE A 518 8.09 20.90 14.55
C ILE A 518 9.32 20.01 14.33
N GLN A 519 9.39 18.89 15.02
CA GLN A 519 10.55 18.03 14.85
C GLN A 519 10.66 17.35 13.47
N ALA A 520 9.53 17.30 12.75
CA ALA A 520 9.51 16.68 11.43
C ALA A 520 9.81 17.70 10.34
N GLN A 521 10.14 18.92 10.77
CA GLN A 521 10.64 19.95 9.87
C GLN A 521 9.71 20.29 8.70
N PRO A 522 8.45 20.62 8.98
CA PRO A 522 7.59 21.01 7.85
C PRO A 522 8.00 22.34 7.21
N ASP A 523 7.82 22.48 5.89
CA ASP A 523 7.93 23.80 5.27
C ASP A 523 6.60 24.28 4.72
N GLN A 524 5.56 23.46 4.84
CA GLN A 524 4.23 23.87 4.42
C GLN A 524 3.19 23.21 5.28
N SER A 525 2.06 23.86 5.45
CA SER A 525 1.06 23.37 6.35
C SER A 525 -0.29 23.91 5.96
N GLU A 526 -1.34 23.19 6.36
CA GLU A 526 -2.72 23.60 6.20
C GLU A 526 -3.09 24.65 7.26
N SER A 527 -2.27 24.73 8.30
CA SER A 527 -2.55 25.62 9.40
C SER A 527 -1.78 26.92 9.24
N GLU A 528 -2.52 28.02 9.27
CA GLU A 528 -1.91 29.32 9.13
C GLU A 528 -0.88 29.48 10.24
N LEU A 529 -1.29 29.08 11.44
CA LEU A 529 -0.46 29.20 12.63
C LEU A 529 0.85 28.44 12.48
N VAL A 530 0.79 27.21 11.96
CA VAL A 530 2.01 26.45 11.77
C VAL A 530 2.85 27.12 10.67
N ASN A 531 2.21 27.65 9.64
CA ASN A 531 2.95 28.38 8.62
C ASN A 531 3.72 29.55 9.23
N GLN A 532 3.04 30.34 10.06
CA GLN A 532 3.70 31.45 10.75
C GLN A 532 4.87 30.97 11.60
N ILE A 533 4.67 29.88 12.33
CA ILE A 533 5.77 29.27 13.09
C ILE A 533 6.90 28.86 12.15
N ILE A 534 6.56 28.27 11.02
CA ILE A 534 7.60 27.84 10.08
C ILE A 534 8.45 29.01 9.63
N GLU A 535 7.81 30.12 9.28
CA GLU A 535 8.53 31.29 8.81
C GLU A 535 9.54 31.78 9.86
N GLN A 536 9.11 31.85 11.13
CA GLN A 536 10.03 32.14 12.20
C GLN A 536 11.21 31.17 12.25
N LEU A 537 10.95 29.87 12.14
CA LEU A 537 12.04 28.89 12.28
C LEU A 537 13.10 29.10 11.22
N ILE A 538 12.67 29.52 10.03
CA ILE A 538 13.61 29.73 8.95
C ILE A 538 14.44 30.99 9.22
N LYS A 539 13.81 32.01 9.79
CA LYS A 539 14.54 33.24 10.16
C LYS A 539 15.69 33.01 11.14
N LYS A 540 15.57 32.00 12.01
CA LYS A 540 16.46 31.84 13.16
C LYS A 540 17.75 31.21 12.76
N GLU A 541 18.81 31.49 13.51
CA GLU A 541 20.10 30.87 13.33
C GLU A 541 20.11 29.53 13.99
N LYS A 542 19.55 29.50 15.18
CA LYS A 542 19.58 28.29 15.98
C LYS A 542 18.35 28.17 16.88
N VAL A 543 17.70 27.01 16.77
CA VAL A 543 16.59 26.69 17.65
C VAL A 543 16.84 25.33 18.27
N TYR A 544 16.68 25.25 19.59
CA TYR A 544 16.73 23.98 20.27
C TYR A 544 15.43 23.81 20.97
N LEU A 545 14.73 22.75 20.60
CA LEU A 545 13.43 22.49 21.19
C LEU A 545 13.54 21.25 22.07
N ALA A 546 13.00 21.34 23.28
CA ALA A 546 13.16 20.29 24.27
C ALA A 546 11.85 20.00 24.95
N TRP A 547 11.65 18.76 25.35
CA TRP A 547 10.36 18.36 25.92
C TRP A 547 10.49 18.06 27.41
N VAL A 548 9.48 18.38 28.20
CA VAL A 548 9.44 17.93 29.58
C VAL A 548 8.04 17.42 29.90
N PRO A 549 7.92 16.49 30.86
CA PRO A 549 6.58 16.05 31.25
C PRO A 549 5.84 17.14 32.01
N ALA A 550 4.59 17.38 31.67
CA ALA A 550 3.78 18.42 32.31
C ALA A 550 3.36 18.05 33.75
N HIS A 551 2.96 19.06 34.52
CA HIS A 551 2.39 18.88 35.87
C HIS A 551 3.25 18.02 36.77
N LYS A 552 4.56 18.11 36.59
CA LYS A 552 5.50 17.37 37.43
C LYS A 552 6.36 18.36 38.20
N GLY A 553 5.93 19.61 38.19
CA GLY A 553 6.62 20.68 38.89
C GLY A 553 8.06 20.84 38.43
N ILE A 554 8.30 20.69 37.14
CA ILE A 554 9.60 21.05 36.58
C ILE A 554 9.66 22.56 36.47
N GLY A 555 10.77 23.16 36.89
CA GLY A 555 10.88 24.61 36.78
C GLY A 555 11.53 24.95 35.45
N GLY A 556 11.07 26.04 34.83
CA GLY A 556 9.89 26.72 35.25
C GLY A 556 8.83 26.46 34.20
N ASN A 557 8.78 25.22 33.70
CA ASN A 557 7.55 24.73 33.12
C ASN A 557 6.45 24.93 34.17
N GLU A 558 6.80 24.64 35.43
CA GLU A 558 5.86 24.84 36.52
C GLU A 558 5.41 26.29 36.63
N GLN A 559 6.36 27.24 36.51
CA GLN A 559 6.01 28.66 36.67
C GLN A 559 5.16 29.21 35.53
N VAL A 560 5.39 28.76 34.30
CA VAL A 560 4.57 29.23 33.19
C VAL A 560 3.20 28.52 33.16
N ASP A 561 3.10 27.35 33.77
CA ASP A 561 1.80 26.68 33.90
C ASP A 561 0.81 27.52 34.74
N LYS A 562 1.22 27.95 35.93
CA LYS A 562 0.38 28.83 36.77
C LYS A 562 -0.13 30.05 35.98
N LEU A 563 0.77 30.71 35.26
CA LEU A 563 0.45 31.90 34.46
C LEU A 563 -0.66 31.70 33.43
N VAL A 564 -0.52 30.69 32.59
CA VAL A 564 -1.44 30.48 31.48
C VAL A 564 -2.71 29.74 31.89
N SER A 565 -2.71 29.14 33.08
CA SER A 565 -3.88 28.39 33.58
CA SER A 565 -3.90 28.40 33.54
C SER A 565 -4.81 29.29 34.38
N ALA A 566 -4.25 30.32 35.00
CA ALA A 566 -5.01 31.29 35.79
C ALA A 566 -6.19 31.85 34.99
N GLY A 567 -7.39 31.74 35.56
CA GLY A 567 -8.60 32.13 34.87
C GLY A 567 -9.05 31.15 33.79
N ILE A 568 -8.32 30.03 33.67
CA ILE A 568 -8.60 29.01 32.65
C ILE A 568 -8.69 27.64 33.30
N ILE B 5 -7.73 -40.88 -0.23
CA ILE B 5 -7.99 -39.93 0.84
C ILE B 5 -9.33 -39.23 0.63
N GLU B 6 -9.98 -38.86 1.73
CA GLU B 6 -11.26 -38.14 1.69
C GLU B 6 -11.15 -36.89 2.57
N THR B 7 -11.88 -35.82 2.22
CA THR B 7 -11.65 -34.49 2.77
C THR B 7 -12.37 -34.21 4.09
N VAL B 8 -11.85 -33.21 4.80
CA VAL B 8 -12.42 -32.73 6.07
C VAL B 8 -13.24 -31.48 5.85
N PRO B 9 -14.51 -31.46 6.27
CA PRO B 9 -15.29 -30.23 6.09
C PRO B 9 -14.66 -29.06 6.85
N VAL B 10 -14.77 -27.84 6.29
CA VAL B 10 -14.23 -26.64 6.92
C VAL B 10 -15.19 -25.47 6.74
N LYS B 11 -15.33 -24.65 7.78
CA LYS B 11 -16.25 -23.52 7.74
C LYS B 11 -15.53 -22.21 7.99
N LEU B 12 -16.23 -21.11 7.76
CA LEU B 12 -15.77 -19.81 8.21
C LEU B 12 -16.39 -19.57 9.58
N LYS B 13 -15.85 -18.62 10.32
CA LYS B 13 -16.53 -18.14 11.52
C LYS B 13 -17.88 -17.56 11.08
N PRO B 14 -18.92 -17.78 11.89
CA PRO B 14 -20.29 -17.35 11.55
C PRO B 14 -20.40 -15.85 11.37
N GLY B 15 -21.10 -15.43 10.32
CA GLY B 15 -21.21 -14.02 9.99
C GLY B 15 -19.94 -13.48 9.34
N MET B 16 -19.29 -14.29 8.52
CA MET B 16 -18.10 -13.81 7.84
C MET B 16 -18.03 -14.31 6.40
N ASP B 17 -17.78 -13.39 5.48
CA ASP B 17 -17.54 -13.75 4.09
C ASP B 17 -16.08 -14.13 3.88
N GLY B 18 -15.77 -14.69 2.71
CA GLY B 18 -14.39 -14.99 2.35
C GLY B 18 -13.60 -13.72 2.05
N PRO B 19 -12.31 -13.85 1.77
CA PRO B 19 -11.53 -12.64 1.53
C PRO B 19 -11.81 -12.03 0.14
N LYS B 20 -11.83 -10.71 0.12
CA LYS B 20 -11.95 -9.96 -1.12
C LYS B 20 -10.87 -8.89 -1.21
N VAL B 21 -9.61 -9.34 -1.26
CA VAL B 21 -8.41 -8.49 -1.24
C VAL B 21 -7.76 -8.34 -2.63
N LYS B 22 -7.59 -7.10 -3.08
CA LYS B 22 -7.07 -6.83 -4.42
C LYS B 22 -5.60 -7.24 -4.63
N GLN B 23 -5.30 -7.86 -5.76
CA GLN B 23 -3.93 -8.21 -6.09
C GLN B 23 -3.09 -6.98 -6.32
N TRP B 24 -1.89 -6.96 -5.78
CA TRP B 24 -1.04 -5.80 -6.01
C TRP B 24 -0.07 -6.03 -7.20
N PRO B 25 0.51 -4.94 -7.73
CA PRO B 25 1.39 -5.09 -8.89
C PRO B 25 2.70 -5.84 -8.57
N LEU B 26 3.03 -6.80 -9.43
CA LEU B 26 4.23 -7.63 -9.26
C LEU B 26 5.27 -7.27 -10.31
N THR B 27 6.54 -7.55 -10.02
CA THR B 27 7.60 -7.38 -10.98
C THR B 27 7.60 -8.51 -12.01
N GLU B 28 8.30 -8.27 -13.11
CA GLU B 28 8.35 -9.21 -14.22
C GLU B 28 8.88 -10.54 -13.74
N GLU B 29 9.97 -10.46 -12.98
CA GLU B 29 10.53 -11.62 -12.30
C GLU B 29 9.48 -12.45 -11.58
N LYS B 30 8.79 -11.84 -10.63
CA LYS B 30 7.83 -12.56 -9.81
C LYS B 30 6.69 -13.13 -10.65
N ILE B 31 6.24 -12.38 -11.64
CA ILE B 31 5.17 -12.90 -12.46
C ILE B 31 5.65 -14.14 -13.24
N LYS B 32 6.85 -14.09 -13.82
CA LYS B 32 7.38 -15.22 -14.62
C LYS B 32 7.44 -16.46 -13.75
N ALA B 33 7.97 -16.27 -12.54
CA ALA B 33 8.09 -17.36 -11.58
C ALA B 33 6.72 -17.91 -11.19
N LEU B 34 5.78 -17.03 -10.93
CA LEU B 34 4.43 -17.46 -10.59
C LEU B 34 3.77 -18.23 -11.71
N VAL B 35 3.98 -17.81 -12.95
CA VAL B 35 3.30 -18.46 -14.07
C VAL B 35 3.92 -19.84 -14.26
N GLU B 36 5.24 -19.93 -14.12
CA GLU B 36 5.90 -21.24 -14.13
C GLU B 36 5.27 -22.16 -13.08
N ILE B 37 5.32 -21.75 -11.81
CA ILE B 37 4.86 -22.59 -10.73
C ILE B 37 3.39 -22.96 -10.93
N CYS B 38 2.59 -21.98 -11.33
CA CYS B 38 1.17 -22.28 -11.44
C CYS B 38 0.82 -23.27 -12.55
N THR B 39 1.44 -23.16 -13.73
CA THR B 39 1.08 -24.08 -14.80
C THR B 39 1.41 -25.52 -14.35
N GLU B 40 2.56 -25.69 -13.71
CA GLU B 40 2.91 -27.00 -13.18
C GLU B 40 1.92 -27.46 -12.11
N MET B 41 1.53 -26.57 -11.21
CA MET B 41 0.56 -26.95 -10.20
C MET B 41 -0.79 -27.33 -10.83
N GLU B 42 -1.09 -26.73 -11.98
CA GLU B 42 -2.35 -27.03 -12.63
C GLU B 42 -2.27 -28.36 -13.38
N LYS B 43 -1.09 -28.70 -13.91
CA LYS B 43 -0.86 -30.06 -14.41
C LYS B 43 -1.08 -31.08 -13.29
N GLU B 44 -0.37 -30.91 -12.18
CA GLU B 44 -0.44 -31.87 -11.08
C GLU B 44 -1.78 -31.85 -10.33
N GLY B 45 -2.76 -31.13 -10.85
CA GLY B 45 -4.08 -31.06 -10.23
C GLY B 45 -4.24 -30.32 -8.91
N LYS B 46 -3.20 -29.60 -8.47
CA LYS B 46 -3.25 -28.95 -7.15
C LYS B 46 -4.08 -27.65 -7.17
N ILE B 47 -4.14 -26.99 -8.33
CA ILE B 47 -5.00 -25.82 -8.51
C ILE B 47 -5.81 -25.91 -9.81
N SER B 48 -7.00 -25.31 -9.83
CA SER B 48 -7.80 -25.23 -11.05
C SER B 48 -8.09 -23.79 -11.48
N LYS B 49 -8.18 -23.53 -12.79
CA LYS B 49 -8.59 -22.20 -13.25
C LYS B 49 -10.03 -21.92 -12.87
N ILE B 50 -10.34 -20.68 -12.52
CA ILE B 50 -11.72 -20.31 -12.18
C ILE B 50 -12.17 -19.04 -12.88
N GLY B 51 -13.43 -18.68 -12.69
CA GLY B 51 -13.95 -17.51 -13.35
C GLY B 51 -14.15 -16.34 -12.44
N PRO B 52 -14.74 -15.28 -12.98
CA PRO B 52 -15.06 -14.09 -12.18
C PRO B 52 -16.33 -14.29 -11.35
N GLU B 53 -17.00 -15.43 -11.48
CA GLU B 53 -18.24 -15.66 -10.74
C GLU B 53 -17.90 -16.13 -9.33
N ASN B 54 -16.67 -16.57 -9.13
CA ASN B 54 -16.13 -16.70 -7.79
C ASN B 54 -15.73 -15.29 -7.32
N PRO B 55 -16.41 -14.76 -6.30
CA PRO B 55 -16.17 -13.36 -5.94
C PRO B 55 -14.99 -13.16 -4.99
N TYR B 56 -14.26 -14.22 -4.66
CA TYR B 56 -13.21 -14.10 -3.64
C TYR B 56 -11.80 -13.86 -4.21
N ASN B 57 -10.97 -13.14 -3.46
CA ASN B 57 -9.60 -12.99 -3.88
C ASN B 57 -8.60 -12.78 -2.76
N THR B 58 -7.40 -13.29 -3.01
CA THR B 58 -6.30 -13.23 -2.07
C THR B 58 -4.98 -12.98 -2.82
N PRO B 59 -4.18 -11.98 -2.39
CA PRO B 59 -2.93 -11.60 -3.07
C PRO B 59 -1.93 -12.75 -3.15
N VAL B 60 -1.17 -12.84 -4.25
CA VAL B 60 -0.03 -13.75 -4.37
C VAL B 60 1.21 -13.02 -4.80
N PHE B 61 2.35 -13.50 -4.32
CA PHE B 61 3.59 -13.08 -4.90
C PHE B 61 4.60 -14.22 -4.78
N ALA B 62 5.88 -13.89 -4.82
CA ALA B 62 6.89 -14.93 -4.89
C ALA B 62 8.23 -14.42 -4.41
N ILE B 63 8.96 -15.27 -3.72
CA ILE B 63 10.24 -14.87 -3.15
C ILE B 63 11.36 -15.78 -3.63
N LYS B 64 12.48 -15.14 -3.92
CA LYS B 64 13.67 -15.82 -4.42
C LYS B 64 14.49 -16.20 -3.21
N LYS B 65 14.40 -17.48 -2.85
CA LYS B 65 14.96 -17.99 -1.59
C LYS B 65 16.48 -18.10 -1.66
N LYS B 66 17.16 -17.59 -0.63
CA LYS B 66 18.62 -17.63 -0.52
C LYS B 66 19.27 -16.94 -1.73
N ASP B 67 20.20 -17.65 -2.39
CA ASP B 67 20.73 -17.22 -3.68
C ASP B 67 20.13 -18.10 -4.77
N SER B 68 19.66 -19.27 -4.34
CA SER B 68 19.17 -20.32 -5.23
C SER B 68 18.21 -19.79 -6.28
N THR B 69 18.38 -20.25 -7.51
CA THR B 69 17.51 -19.84 -8.59
C THR B 69 16.15 -20.55 -8.48
N LYS B 70 15.72 -20.82 -7.25
CA LYS B 70 14.41 -21.41 -7.01
C LYS B 70 13.50 -20.42 -6.29
N TRP B 71 12.37 -20.14 -6.94
CA TRP B 71 11.36 -19.27 -6.39
C TRP B 71 10.36 -20.03 -5.54
N ARG B 72 9.77 -19.33 -4.58
CA ARG B 72 8.72 -19.92 -3.78
C ARG B 72 7.48 -19.07 -3.91
N LYS B 73 6.39 -19.70 -4.28
CA LYS B 73 5.13 -19.00 -4.33
C LYS B 73 4.75 -18.68 -2.92
N LEU B 74 4.11 -17.54 -2.73
CA LEU B 74 3.70 -17.11 -1.41
C LEU B 74 2.35 -16.43 -1.50
N VAL B 75 1.35 -17.05 -0.92
CA VAL B 75 0.00 -16.51 -0.89
C VAL B 75 -0.20 -15.78 0.43
N ASP B 76 -0.55 -14.50 0.36
CA ASP B 76 -0.90 -13.77 1.56
C ASP B 76 -2.28 -14.17 2.03
N PHE B 77 -2.32 -15.15 2.94
CA PHE B 77 -3.57 -15.67 3.48
C PHE B 77 -4.00 -15.02 4.79
N ARG B 78 -3.45 -13.87 5.14
CA ARG B 78 -3.76 -13.26 6.44
C ARG B 78 -5.24 -13.04 6.64
N GLU B 79 -5.90 -12.46 5.64
CA GLU B 79 -7.35 -12.29 5.72
C GLU B 79 -8.06 -13.64 5.90
N LEU B 80 -7.94 -14.53 4.92
CA LEU B 80 -8.58 -15.83 5.03
C LEU B 80 -8.34 -16.51 6.37
N ASN B 81 -7.10 -16.48 6.85
CA ASN B 81 -6.74 -16.99 8.18
C ASN B 81 -7.52 -16.34 9.30
N LYS B 82 -7.65 -15.02 9.28
CA LYS B 82 -8.48 -14.30 10.28
C LYS B 82 -9.92 -14.82 10.28
N ARG B 83 -10.34 -15.44 9.18
CA ARG B 83 -11.74 -15.76 8.97
C ARG B 83 -12.00 -17.26 8.99
N THR B 84 -10.95 -18.03 9.18
CA THR B 84 -11.06 -19.47 9.25
C THR B 84 -11.35 -19.92 10.68
N GLN B 85 -12.40 -20.73 10.81
CA GLN B 85 -12.81 -21.28 12.09
C GLN B 85 -11.64 -21.87 12.87
N ASP B 86 -11.72 -21.75 14.19
CA ASP B 86 -10.63 -22.20 15.02
C ASP B 86 -10.84 -23.66 15.42
N PRO B 97 5.84 -25.62 24.03
CA PRO B 97 7.05 -26.25 23.49
C PRO B 97 8.14 -25.39 23.99
N ALA B 98 8.09 -25.25 25.30
CA ALA B 98 8.95 -24.40 26.05
C ALA B 98 10.40 -24.67 25.98
N GLY B 99 10.77 -25.87 25.64
CA GLY B 99 12.17 -26.22 25.68
C GLY B 99 12.94 -25.69 24.47
N LEU B 100 12.22 -25.51 23.37
CA LEU B 100 12.78 -25.08 22.10
C LEU B 100 13.58 -23.77 22.16
N LYS B 101 13.19 -22.85 23.05
CA LYS B 101 13.90 -21.57 23.17
C LYS B 101 15.22 -21.71 23.90
N LYS B 102 15.47 -22.91 24.44
CA LYS B 102 16.68 -23.19 25.21
C LYS B 102 17.82 -23.74 24.36
N LYS B 103 17.46 -24.44 23.29
CA LYS B 103 18.42 -25.18 22.47
C LYS B 103 19.56 -24.35 21.89
N LYS B 104 20.71 -24.99 21.71
CA LYS B 104 21.90 -24.33 21.19
C LYS B 104 21.72 -23.92 19.71
N SER B 105 21.00 -24.76 18.99
CA SER B 105 20.80 -24.56 17.57
C SER B 105 19.38 -24.92 17.20
N VAL B 106 18.75 -24.07 16.38
CA VAL B 106 17.48 -24.46 15.77
C VAL B 106 17.58 -24.28 14.25
N THR B 107 17.25 -25.34 13.51
CA THR B 107 17.13 -25.26 12.05
C THR B 107 15.66 -25.15 11.70
N VAL B 108 15.35 -24.31 10.73
CA VAL B 108 13.97 -24.13 10.26
C VAL B 108 13.79 -24.81 8.93
N LEU B 109 12.91 -25.81 8.85
CA LEU B 109 12.66 -26.50 7.60
C LEU B 109 11.31 -26.13 7.01
N ASP B 110 11.26 -26.09 5.68
CA ASP B 110 10.03 -25.74 4.97
C ASP B 110 9.34 -27.00 4.48
N VAL B 111 8.33 -27.45 5.23
CA VAL B 111 7.62 -28.66 4.89
C VAL B 111 6.31 -28.37 4.18
N GLY B 112 6.23 -27.22 3.53
CA GLY B 112 4.98 -26.76 2.96
C GLY B 112 4.38 -27.70 1.92
N ASP B 113 5.23 -28.25 1.04
CA ASP B 113 4.73 -29.03 -0.09
C ASP B 113 4.07 -30.34 0.34
N ALA B 114 4.31 -30.75 1.59
CA ALA B 114 3.62 -31.90 2.15
C ALA B 114 2.11 -31.71 2.10
N TYR B 115 1.70 -30.46 2.22
CA TYR B 115 0.28 -30.13 2.29
C TYR B 115 -0.47 -30.45 1.00
N PHE B 116 0.23 -30.45 -0.12
CA PHE B 116 -0.39 -30.62 -1.42
C PHE B 116 -0.89 -32.05 -1.65
N SER B 117 -0.65 -32.93 -0.69
CA SER B 117 -1.02 -34.32 -0.86
C SER B 117 -2.41 -34.59 -0.31
N VAL B 118 -2.95 -33.66 0.46
CA VAL B 118 -4.27 -33.83 1.04
C VAL B 118 -5.26 -33.02 0.24
N PRO B 119 -6.37 -33.64 -0.16
CA PRO B 119 -7.40 -32.85 -0.83
C PRO B 119 -8.03 -31.83 0.11
N LEU B 120 -8.84 -30.91 -0.43
CA LEU B 120 -9.44 -29.82 0.34
C LEU B 120 -10.94 -29.76 0.11
N ASP B 121 -11.69 -29.65 1.21
CA ASP B 121 -13.15 -29.58 1.15
C ASP B 121 -13.61 -28.76 -0.04
N GLU B 122 -14.36 -29.39 -0.92
CA GLU B 122 -14.79 -28.76 -2.17
C GLU B 122 -15.51 -27.44 -1.94
N ASP B 123 -16.39 -27.38 -0.96
CA ASP B 123 -17.19 -26.18 -0.77
C ASP B 123 -16.37 -25.07 -0.12
N PHE B 124 -15.09 -25.34 0.12
CA PHE B 124 -14.23 -24.35 0.72
C PHE B 124 -13.24 -23.79 -0.29
N ARG B 125 -13.01 -24.55 -1.35
CA ARG B 125 -11.99 -24.21 -2.33
C ARG B 125 -12.13 -22.80 -2.86
N LYS B 126 -13.37 -22.34 -2.99
CA LYS B 126 -13.61 -21.05 -3.61
C LYS B 126 -12.99 -19.88 -2.83
N TYR B 127 -12.79 -20.06 -1.52
CA TYR B 127 -12.24 -19.00 -0.70
C TYR B 127 -10.72 -18.87 -0.85
N THR B 128 -10.12 -19.77 -1.60
CA THR B 128 -8.67 -19.80 -1.74
C THR B 128 -8.25 -19.21 -3.09
N ALA B 129 -9.21 -18.62 -3.79
CA ALA B 129 -9.00 -17.99 -5.07
C ALA B 129 -7.87 -16.94 -5.05
N PHE B 130 -7.07 -16.90 -6.11
CA PHE B 130 -6.09 -15.85 -6.32
C PHE B 130 -5.96 -15.51 -7.80
N THR B 131 -5.21 -14.45 -8.08
CA THR B 131 -5.10 -13.88 -9.42
C THR B 131 -3.69 -13.45 -9.80
N ILE B 132 -3.24 -13.96 -10.95
CA ILE B 132 -1.96 -13.58 -11.50
C ILE B 132 -2.08 -12.41 -12.47
N PRO B 133 -1.39 -11.31 -12.16
CA PRO B 133 -1.46 -10.11 -13.01
C PRO B 133 -0.58 -10.27 -14.23
N SER B 134 -0.71 -9.38 -15.21
CA SER B 134 0.21 -9.41 -16.32
C SER B 134 0.96 -8.10 -16.37
N ILE B 135 2.12 -8.11 -17.03
CA ILE B 135 2.86 -6.89 -17.22
C ILE B 135 2.06 -6.00 -18.14
N ASN B 136 1.90 -4.74 -17.74
CA ASN B 136 1.27 -3.72 -18.57
C ASN B 136 -0.14 -4.14 -18.97
N ASN B 137 -0.75 -4.98 -18.14
CA ASN B 137 -2.13 -5.37 -18.37
C ASN B 137 -2.37 -5.84 -19.79
N GLU B 138 -1.41 -6.59 -20.31
CA GLU B 138 -1.56 -7.23 -21.59
C GLU B 138 -2.84 -8.06 -21.60
N THR B 139 -3.12 -8.72 -20.48
CA THR B 139 -4.34 -9.51 -20.37
C THR B 139 -5.07 -9.22 -19.06
N PRO B 140 -6.33 -9.61 -18.98
CA PRO B 140 -6.93 -9.61 -17.65
C PRO B 140 -6.23 -10.65 -16.79
N GLY B 141 -6.43 -10.56 -15.48
CA GLY B 141 -5.89 -11.56 -14.59
C GLY B 141 -6.33 -12.99 -14.86
N ILE B 142 -5.46 -13.93 -14.50
CA ILE B 142 -5.78 -15.36 -14.52
C ILE B 142 -6.05 -15.82 -13.09
N ARG B 143 -7.19 -16.43 -12.90
CA ARG B 143 -7.63 -16.81 -11.58
C ARG B 143 -7.60 -18.31 -11.36
N TYR B 144 -7.11 -18.70 -10.19
CA TYR B 144 -7.05 -20.09 -9.78
C TYR B 144 -7.69 -20.25 -8.42
N GLN B 145 -8.14 -21.47 -8.10
CA GLN B 145 -8.45 -21.81 -6.72
C GLN B 145 -7.73 -23.11 -6.39
N TYR B 146 -7.62 -23.42 -5.10
CA TYR B 146 -6.88 -24.60 -4.65
C TYR B 146 -7.76 -25.84 -4.62
N ASN B 147 -7.18 -27.01 -4.87
CA ASN B 147 -7.90 -28.29 -4.74
C ASN B 147 -7.33 -29.09 -3.59
N VAL B 148 -6.19 -28.63 -3.09
CA VAL B 148 -5.46 -29.29 -2.02
C VAL B 148 -5.19 -28.30 -0.90
N LEU B 149 -4.57 -28.78 0.18
CA LEU B 149 -4.24 -27.91 1.32
C LEU B 149 -3.19 -26.92 0.87
N PRO B 150 -3.54 -25.62 0.90
CA PRO B 150 -2.62 -24.57 0.45
C PRO B 150 -1.57 -24.22 1.50
N GLN B 151 -0.33 -24.00 1.09
CA GLN B 151 0.68 -23.42 1.98
C GLN B 151 0.23 -22.03 2.50
N GLY B 152 0.52 -21.75 3.77
CA GLY B 152 0.21 -20.45 4.35
C GLY B 152 -1.14 -20.39 5.05
N TRP B 153 -2.05 -21.29 4.72
CA TRP B 153 -3.36 -21.27 5.34
C TRP B 153 -3.34 -21.87 6.74
N LYS B 154 -4.05 -21.24 7.67
CA LYS B 154 -4.18 -21.67 9.06
C LYS B 154 -4.68 -23.11 9.17
N GLY B 155 -5.55 -23.50 8.24
CA GLY B 155 -6.15 -24.82 8.27
C GLY B 155 -5.23 -25.95 7.84
N SER B 156 -4.19 -25.61 7.10
CA SER B 156 -3.33 -26.64 6.55
C SER B 156 -2.56 -27.45 7.59
N PRO B 157 -1.93 -26.80 8.59
CA PRO B 157 -1.28 -27.65 9.61
C PRO B 157 -2.31 -28.40 10.46
N ALA B 158 -3.47 -27.79 10.69
CA ALA B 158 -4.52 -28.43 11.49
C ALA B 158 -4.95 -29.76 10.90
N ILE B 159 -5.40 -29.75 9.65
CA ILE B 159 -5.93 -30.95 9.01
C ILE B 159 -4.84 -32.01 8.86
N PHE B 160 -3.59 -31.55 8.83
CA PHE B 160 -2.48 -32.45 8.52
C PHE B 160 -1.73 -32.95 9.76
N GLN B 161 -2.10 -32.43 10.93
CA GLN B 161 -1.39 -32.75 12.16
C GLN B 161 -1.25 -34.25 12.37
N SER B 162 -2.37 -34.97 12.41
CA SER B 162 -2.36 -36.41 12.63
C SER B 162 -1.42 -37.12 11.64
N SER B 163 -1.44 -36.68 10.40
CA SER B 163 -0.50 -37.21 9.42
C SER B 163 0.93 -36.77 9.71
N MET B 164 1.10 -35.59 10.32
CA MET B 164 2.44 -35.08 10.64
C MET B 164 3.01 -35.82 11.83
N THR B 165 2.16 -36.10 12.81
CA THR B 165 2.58 -36.84 13.99
C THR B 165 3.06 -38.25 13.62
N LYS B 166 2.23 -38.98 12.86
CA LYS B 166 2.60 -40.31 12.39
C LYS B 166 3.99 -40.33 11.72
N ILE B 167 4.30 -39.30 10.95
CA ILE B 167 5.59 -39.24 10.28
C ILE B 167 6.74 -38.99 11.24
N LEU B 168 6.55 -38.09 12.19
CA LEU B 168 7.62 -37.66 13.07
C LEU B 168 7.91 -38.65 14.21
N GLU B 169 6.85 -39.14 14.85
CA GLU B 169 6.91 -40.05 16.00
C GLU B 169 8.15 -40.99 16.10
N PRO B 170 8.52 -41.69 15.01
CA PRO B 170 9.72 -42.53 15.11
C PRO B 170 11.01 -41.73 15.29
N PHE B 171 11.14 -40.61 14.56
CA PHE B 171 12.33 -39.78 14.65
C PHE B 171 12.46 -39.22 16.05
N ARG B 172 11.32 -38.82 16.62
CA ARG B 172 11.29 -38.30 17.97
C ARG B 172 11.74 -39.37 18.97
N LYS B 173 11.29 -40.61 18.76
CA LYS B 173 11.69 -41.74 19.60
C LYS B 173 13.21 -41.89 19.62
N GLN B 174 13.79 -42.04 18.43
CA GLN B 174 15.22 -42.26 18.26
C GLN B 174 16.04 -41.05 18.71
N ASN B 175 15.42 -39.88 18.72
CA ASN B 175 16.11 -38.68 19.17
C ASN B 175 15.27 -37.88 20.16
N PRO B 176 15.20 -38.35 21.40
CA PRO B 176 14.34 -37.75 22.44
C PRO B 176 14.87 -36.42 22.98
N ASP B 177 16.16 -36.16 22.77
CA ASP B 177 16.74 -34.87 23.16
C ASP B 177 16.40 -33.75 22.17
N ILE B 178 15.88 -34.15 21.00
CA ILE B 178 15.57 -33.22 19.93
C ILE B 178 14.11 -32.74 19.94
N VAL B 179 13.95 -31.42 19.89
CA VAL B 179 12.63 -30.80 19.87
C VAL B 179 12.23 -30.37 18.46
N ILE B 180 11.14 -30.94 17.98
CA ILE B 180 10.57 -30.59 16.69
C ILE B 180 9.24 -29.85 16.89
N TYR B 181 9.21 -28.60 16.43
CA TYR B 181 7.99 -27.79 16.47
C TYR B 181 7.53 -27.35 15.08
N GLN B 182 6.22 -27.45 14.85
CA GLN B 182 5.65 -27.06 13.56
C GLN B 182 4.86 -25.73 13.65
N TYR B 183 5.13 -24.82 12.72
CA TYR B 183 4.30 -23.61 12.60
C TYR B 183 3.89 -23.34 11.13
N VAL B 184 2.69 -23.76 10.77
CA VAL B 184 2.23 -23.74 9.40
C VAL B 184 3.26 -24.43 8.49
N ASP B 185 3.92 -23.72 7.57
CA ASP B 185 4.78 -24.39 6.60
C ASP B 185 6.10 -24.79 7.25
N ASP B 186 6.28 -24.41 8.51
CA ASP B 186 7.60 -24.50 9.09
C ASP B 186 7.75 -25.61 10.13
N LEU B 187 8.90 -26.24 10.11
CA LEU B 187 9.30 -27.15 11.17
C LEU B 187 10.52 -26.54 11.84
N TYR B 188 10.42 -26.29 13.13
CA TYR B 188 11.56 -25.86 13.90
C TYR B 188 12.18 -27.08 14.60
N VAL B 189 13.48 -27.27 14.37
CA VAL B 189 14.18 -28.42 14.92
C VAL B 189 15.31 -27.97 15.82
N GLY B 190 15.20 -28.28 17.12
CA GLY B 190 16.20 -27.83 18.09
C GLY B 190 17.02 -28.91 18.76
N SER B 191 18.33 -28.69 18.86
CA SER B 191 19.24 -29.61 19.55
C SER B 191 20.36 -28.90 20.31
N ASP B 192 20.99 -29.62 21.24
CA ASP B 192 22.16 -29.09 21.95
C ASP B 192 23.47 -29.65 21.39
N LEU B 193 23.38 -30.31 20.24
CA LEU B 193 24.55 -30.88 19.57
C LEU B 193 25.55 -29.80 19.13
N GLU B 194 26.83 -30.17 19.03
CA GLU B 194 27.77 -29.27 18.40
C GLU B 194 27.36 -29.24 16.93
N ILE B 195 27.75 -28.18 16.24
CA ILE B 195 27.09 -27.81 14.99
C ILE B 195 27.19 -28.86 13.87
N GLY B 196 28.27 -29.63 13.83
CA GLY B 196 28.43 -30.66 12.82
C GLY B 196 27.46 -31.82 12.97
N GLN B 197 27.31 -32.30 14.21
CA GLN B 197 26.41 -33.40 14.51
C GLN B 197 24.95 -32.95 14.46
N HIS B 198 24.71 -31.67 14.74
CA HIS B 198 23.38 -31.08 14.57
C HIS B 198 22.97 -31.17 13.11
N ARG B 199 23.78 -30.56 12.24
CA ARG B 199 23.51 -30.56 10.80
C ARG B 199 23.30 -31.98 10.27
N THR B 200 24.14 -32.91 10.72
CA THR B 200 24.03 -34.30 10.34
C THR B 200 22.68 -34.87 10.76
N LYS B 201 22.24 -34.51 11.96
CA LYS B 201 20.92 -34.92 12.43
C LYS B 201 19.79 -34.30 11.59
N ILE B 202 19.96 -33.05 11.20
CA ILE B 202 18.96 -32.39 10.36
C ILE B 202 18.84 -33.12 9.03
N GLU B 203 20.00 -33.42 8.45
CA GLU B 203 20.03 -34.16 7.20
C GLU B 203 19.33 -35.50 7.41
N GLU B 204 19.55 -36.09 8.58
CA GLU B 204 18.87 -37.32 8.97
C GLU B 204 17.35 -37.18 9.02
N LEU B 205 16.86 -36.08 9.60
CA LEU B 205 15.41 -35.83 9.61
C LEU B 205 14.86 -35.55 8.21
N ARG B 206 15.67 -34.90 7.37
CA ARG B 206 15.27 -34.64 6.00
C ARG B 206 15.08 -35.95 5.24
N GLN B 207 15.99 -36.90 5.45
CA GLN B 207 15.95 -38.19 4.77
C GLN B 207 14.68 -38.92 5.16
N HIS B 208 14.41 -38.94 6.45
CA HIS B 208 13.19 -39.53 7.00
C HIS B 208 11.93 -38.95 6.34
N LEU B 209 11.91 -37.62 6.15
CA LEU B 209 10.77 -36.95 5.52
C LEU B 209 10.64 -37.35 4.05
N LEU B 210 11.76 -37.49 3.37
CA LEU B 210 11.77 -37.88 1.97
C LEU B 210 11.07 -39.21 1.73
N ARG B 211 11.28 -40.15 2.66
CA ARG B 211 10.78 -41.52 2.47
C ARG B 211 9.27 -41.65 2.75
N TRP B 212 8.62 -40.52 2.95
CA TRP B 212 7.16 -40.47 3.05
C TRP B 212 6.57 -39.75 1.83
N GLY B 213 7.22 -38.67 1.42
CA GLY B 213 6.78 -37.90 0.26
C GLY B 213 6.79 -36.40 0.50
N GLU B 233 19.78 -21.02 10.10
CA GLU B 233 20.32 -21.57 11.36
C GLU B 233 20.18 -20.63 12.57
N LEU B 234 19.34 -21.02 13.53
CA LEU B 234 19.02 -20.20 14.71
C LEU B 234 19.79 -20.59 15.98
N HIS B 235 19.91 -19.65 16.90
CA HIS B 235 20.58 -19.91 18.19
C HIS B 235 19.85 -19.23 19.34
N PRO B 236 18.73 -19.80 19.76
CA PRO B 236 17.84 -19.18 20.74
C PRO B 236 18.50 -18.77 22.05
N ASP B 237 19.35 -19.59 22.66
CA ASP B 237 19.91 -19.17 23.96
C ASP B 237 21.14 -18.28 23.76
N LYS B 238 21.07 -17.44 22.74
CA LYS B 238 21.98 -16.32 22.56
C LYS B 238 21.15 -15.08 22.21
N TRP B 239 19.88 -15.12 22.64
CA TRP B 239 18.95 -14.02 22.48
C TRP B 239 18.96 -13.14 23.71
N THR B 240 19.56 -11.95 23.56
CA THR B 240 19.68 -11.02 24.66
C THR B 240 18.47 -10.10 24.70
N VAL B 241 18.17 -9.55 25.88
CA VAL B 241 17.16 -8.51 25.98
C VAL B 241 17.81 -7.14 26.19
N GLN B 242 17.09 -6.11 25.79
CA GLN B 242 17.57 -4.74 25.85
C GLN B 242 16.98 -4.00 27.06
N PRO B 243 17.80 -3.75 28.09
CA PRO B 243 17.29 -2.99 29.23
C PRO B 243 17.32 -1.49 28.98
N ILE B 244 16.36 -0.77 29.56
CA ILE B 244 16.46 0.68 29.72
C ILE B 244 17.73 0.98 30.53
N VAL B 245 18.45 2.02 30.16
CA VAL B 245 19.67 2.34 30.87
C VAL B 245 19.84 3.86 30.97
N LEU B 246 20.34 4.32 32.11
CA LEU B 246 20.50 5.75 32.39
C LEU B 246 21.93 6.19 32.21
N PRO B 247 22.13 7.35 31.57
CA PRO B 247 23.48 7.86 31.29
C PRO B 247 24.31 8.07 32.57
N GLU B 248 25.63 8.05 32.44
CA GLU B 248 26.52 8.37 33.54
C GLU B 248 27.34 9.60 33.18
N LYS B 249 27.49 10.51 34.15
CA LYS B 249 28.02 11.84 33.89
C LYS B 249 28.69 12.38 35.14
N ASP B 250 29.72 13.20 34.94
CA ASP B 250 30.46 13.76 36.05
C ASP B 250 29.94 15.16 36.34
N SER B 251 29.23 15.71 35.36
CA SER B 251 28.54 16.98 35.57
C SER B 251 27.24 16.99 34.80
N TRP B 252 26.20 17.55 35.41
CA TRP B 252 24.89 17.52 34.82
C TRP B 252 24.37 18.94 34.56
N THR B 253 23.90 19.19 33.34
CA THR B 253 23.21 20.46 33.07
C THR B 253 21.73 20.35 33.39
N VAL B 254 21.07 21.49 33.47
CA VAL B 254 19.62 21.51 33.56
C VAL B 254 18.98 20.70 32.44
N ASN B 255 19.52 20.81 31.23
CA ASN B 255 19.01 20.03 30.11
C ASN B 255 19.14 18.52 30.37
N ASP B 256 20.35 18.08 30.71
CA ASP B 256 20.61 16.69 31.05
C ASP B 256 19.57 16.15 32.02
N ILE B 257 19.38 16.86 33.13
CA ILE B 257 18.45 16.46 34.17
C ILE B 257 17.01 16.50 33.68
N GLN B 258 16.70 17.44 32.80
CA GLN B 258 15.36 17.52 32.26
C GLN B 258 15.07 16.32 31.37
N LYS B 259 16.08 15.88 30.63
CA LYS B 259 15.92 14.72 29.78
C LYS B 259 15.70 13.51 30.66
N LEU B 260 16.60 13.37 31.63
CA LEU B 260 16.58 12.29 32.61
C LEU B 260 15.26 12.14 33.33
N VAL B 261 14.70 13.24 33.79
CA VAL B 261 13.47 13.14 34.55
C VAL B 261 12.30 12.75 33.66
N GLY B 262 12.25 13.27 32.44
CA GLY B 262 11.21 12.85 31.51
C GLY B 262 11.29 11.37 31.18
N LYS B 263 12.51 10.91 30.95
CA LYS B 263 12.74 9.49 30.69
C LYS B 263 12.35 8.62 31.90
N LEU B 264 12.83 8.98 33.10
CA LEU B 264 12.43 8.26 34.31
C LEU B 264 10.93 8.26 34.52
N ASN B 265 10.32 9.41 34.30
CA ASN B 265 8.89 9.53 34.51
C ASN B 265 8.09 8.63 33.58
N TRP B 266 8.59 8.42 32.37
CA TRP B 266 7.98 7.47 31.45
C TRP B 266 8.19 6.04 31.92
N ALA B 267 9.45 5.70 32.18
CA ALA B 267 9.84 4.39 32.67
C ALA B 267 9.06 3.96 33.92
N SER B 268 8.65 4.93 34.73
CA SER B 268 7.95 4.62 35.97
C SER B 268 6.61 3.95 35.67
N GLN B 269 6.13 4.11 34.44
CA GLN B 269 4.93 3.42 33.96
C GLN B 269 5.17 1.94 33.75
N ILE B 270 6.44 1.55 33.67
CA ILE B 270 6.79 0.16 33.46
C ILE B 270 7.40 -0.41 34.75
N TYR B 271 8.05 0.47 35.52
CA TYR B 271 8.65 0.10 36.81
C TYR B 271 8.20 1.09 37.88
N PRO B 272 7.04 0.83 38.52
CA PRO B 272 6.39 1.81 39.40
C PRO B 272 7.24 2.21 40.60
N GLY B 273 8.37 1.56 40.80
CA GLY B 273 9.28 1.92 41.87
C GLY B 273 10.24 3.06 41.53
N ILE B 274 10.32 3.41 40.24
CA ILE B 274 11.09 4.57 39.79
C ILE B 274 10.59 5.81 40.51
N LYS B 275 11.53 6.65 40.96
CA LYS B 275 11.20 7.86 41.69
C LYS B 275 11.99 9.07 41.13
N VAL B 276 11.35 10.23 41.12
CA VAL B 276 11.81 11.38 40.35
C VAL B 276 11.79 12.69 41.18
N ARG B 277 11.21 12.58 42.38
CA ARG B 277 11.03 13.70 43.31
C ARG B 277 12.30 14.52 43.61
N GLN B 278 13.36 13.86 44.07
CA GLN B 278 14.58 14.57 44.43
C GLN B 278 15.23 15.25 43.22
N LEU B 279 15.37 14.50 42.13
CA LEU B 279 15.98 15.00 40.91
C LEU B 279 15.21 16.19 40.36
N SER B 280 13.89 16.06 40.36
CA SER B 280 13.04 17.13 39.87
C SER B 280 13.24 18.40 40.69
N LYS B 281 13.42 18.24 42.00
CA LYS B 281 13.62 19.39 42.88
C LYS B 281 14.88 20.20 42.54
N LEU B 282 15.82 19.62 41.79
CA LEU B 282 16.96 20.40 41.33
C LEU B 282 16.56 21.44 40.27
N LEU B 283 15.46 21.17 39.57
CA LEU B 283 14.93 22.10 38.59
C LEU B 283 13.85 22.99 39.18
N ARG B 284 14.13 23.58 40.34
CA ARG B 284 13.26 24.65 40.80
C ARG B 284 13.84 25.92 40.23
N GLY B 285 12.98 26.89 39.92
CA GLY B 285 13.46 28.12 39.33
C GLY B 285 13.27 28.06 37.84
N THR B 286 13.79 29.05 37.15
CA THR B 286 13.69 29.16 35.72
C THR B 286 15.09 29.28 35.17
N LYS B 287 15.73 28.16 34.87
CA LYS B 287 17.15 28.18 34.64
C LYS B 287 17.55 27.97 33.17
N ALA B 288 18.73 28.47 32.82
CA ALA B 288 19.30 28.24 31.50
C ALA B 288 19.45 26.75 31.25
N LEU B 289 19.23 26.31 30.03
CA LEU B 289 19.38 24.90 29.69
C LEU B 289 20.81 24.40 29.88
N THR B 290 21.79 25.27 29.70
CA THR B 290 23.18 24.81 29.73
C THR B 290 23.83 25.14 31.07
N GLU B 291 23.04 25.66 32.00
CA GLU B 291 23.51 25.83 33.36
C GLU B 291 23.83 24.49 34.04
N VAL B 292 24.98 24.42 34.72
CA VAL B 292 25.41 23.20 35.38
C VAL B 292 24.82 23.08 36.78
N ILE B 293 24.27 21.90 37.07
CA ILE B 293 23.69 21.65 38.39
C ILE B 293 24.46 20.54 39.10
N PRO B 294 25.07 20.86 40.25
CA PRO B 294 25.70 19.81 41.05
C PRO B 294 24.62 18.97 41.73
N LEU B 295 24.75 17.65 41.69
CA LEU B 295 23.71 16.78 42.24
C LEU B 295 23.85 16.67 43.77
N THR B 296 22.72 16.78 44.47
CA THR B 296 22.69 16.64 45.93
C THR B 296 22.92 15.19 46.34
N GLU B 297 22.97 14.93 47.66
CA GLU B 297 23.16 13.58 48.17
C GLU B 297 21.90 12.76 47.93
N GLU B 298 20.75 13.37 48.19
CA GLU B 298 19.47 12.73 47.90
C GLU B 298 19.41 12.33 46.42
N ALA B 299 19.60 13.33 45.56
CA ALA B 299 19.47 13.14 44.12
C ALA B 299 20.38 12.05 43.61
N GLU B 300 21.58 11.96 44.18
CA GLU B 300 22.49 10.89 43.77
C GLU B 300 21.96 9.53 44.23
N LEU B 301 21.35 9.50 45.42
CA LEU B 301 20.80 8.24 45.95
C LEU B 301 19.60 7.80 45.09
N GLU B 302 18.66 8.72 44.89
CA GLU B 302 17.50 8.46 44.06
C GLU B 302 17.91 7.96 42.67
N LEU B 303 18.95 8.57 42.12
CA LEU B 303 19.50 8.14 40.84
C LEU B 303 20.11 6.75 40.95
N ALA B 304 20.73 6.46 42.09
CA ALA B 304 21.35 5.17 42.29
C ALA B 304 20.29 4.07 42.43
N GLU B 305 19.21 4.38 43.15
CA GLU B 305 18.10 3.44 43.26
C GLU B 305 17.55 3.09 41.90
N ASN B 306 17.11 4.14 41.19
CA ASN B 306 16.57 4.00 39.84
C ASN B 306 17.47 3.17 38.94
N ARG B 307 18.78 3.37 39.05
CA ARG B 307 19.73 2.55 38.29
C ARG B 307 19.49 1.07 38.59
N GLU B 308 19.38 0.75 39.87
CA GLU B 308 19.19 -0.64 40.29
C GLU B 308 17.82 -1.18 39.87
N ILE B 309 16.77 -0.41 40.14
CA ILE B 309 15.41 -0.82 39.79
C ILE B 309 15.29 -1.29 38.34
N LEU B 310 16.08 -0.68 37.46
CA LEU B 310 16.03 -1.04 36.05
C LEU B 310 16.59 -2.43 35.80
N LYS B 311 17.53 -2.87 36.64
CA LYS B 311 18.03 -4.24 36.60
C LYS B 311 16.90 -5.24 36.86
N GLU B 312 16.36 -5.22 38.09
CA GLU B 312 15.22 -6.02 38.52
C GLU B 312 14.20 -6.25 37.39
N PRO B 313 14.02 -7.52 36.97
CA PRO B 313 13.14 -7.85 35.84
C PRO B 313 11.69 -7.42 36.01
N VAL B 314 11.02 -7.14 34.89
CA VAL B 314 9.61 -6.73 34.91
C VAL B 314 8.75 -7.76 35.63
N HIS B 315 7.87 -7.29 36.49
CA HIS B 315 7.07 -8.21 37.28
C HIS B 315 5.63 -8.28 36.82
N GLY B 316 5.10 -9.50 36.74
CA GLY B 316 3.66 -9.70 36.60
C GLY B 316 3.14 -9.70 35.19
N VAL B 317 3.86 -10.33 34.28
CA VAL B 317 3.46 -10.35 32.88
C VAL B 317 3.23 -11.75 32.37
N TYR B 318 1.97 -12.10 32.20
CA TYR B 318 1.57 -13.46 31.83
C TYR B 318 1.10 -13.53 30.40
N TYR B 319 1.72 -14.39 29.60
CA TYR B 319 1.32 -14.55 28.21
C TYR B 319 -0.12 -15.04 28.12
N ASP B 320 -0.93 -14.33 27.36
CA ASP B 320 -2.33 -14.68 27.18
C ASP B 320 -2.57 -15.05 25.71
N PRO B 321 -2.78 -16.34 25.44
CA PRO B 321 -2.87 -16.79 24.05
C PRO B 321 -4.19 -16.43 23.35
N SER B 322 -5.14 -15.84 24.06
CA SER B 322 -6.40 -15.44 23.43
C SER B 322 -6.40 -13.96 23.10
N LYS B 323 -5.21 -13.37 23.18
CA LYS B 323 -4.99 -11.96 22.94
C LYS B 323 -3.86 -11.77 21.93
N ASP B 324 -3.88 -10.69 21.19
CA ASP B 324 -2.84 -10.44 20.21
C ASP B 324 -1.50 -10.17 20.88
N LEU B 325 -0.44 -10.74 20.30
CA LEU B 325 0.90 -10.25 20.57
C LEU B 325 1.13 -8.99 19.77
N ILE B 326 1.57 -7.93 20.43
CA ILE B 326 1.79 -6.66 19.76
C ILE B 326 3.27 -6.30 19.76
N ALA B 327 3.81 -5.95 18.60
CA ALA B 327 5.21 -5.54 18.54
C ALA B 327 5.37 -4.09 18.11
N GLU B 328 6.18 -3.33 18.84
CA GLU B 328 6.52 -1.98 18.40
C GLU B 328 7.98 -1.93 18.08
N ILE B 329 8.32 -1.22 17.01
CA ILE B 329 9.69 -1.05 16.61
C ILE B 329 9.99 0.45 16.55
N GLN B 330 11.13 0.86 17.08
CA GLN B 330 11.58 2.25 16.96
C GLN B 330 12.87 2.31 16.18
N LYS B 331 12.98 3.27 15.27
CA LYS B 331 14.22 3.47 14.53
C LYS B 331 15.18 4.27 15.38
N GLN B 332 16.32 3.69 15.75
CA GLN B 332 17.29 4.41 16.55
C GLN B 332 18.35 5.12 15.71
N GLY B 333 18.48 4.73 14.44
CA GLY B 333 19.50 5.28 13.56
C GLY B 333 20.76 4.42 13.55
N GLN B 334 21.64 4.66 12.57
CA GLN B 334 22.92 3.96 12.48
C GLN B 334 22.74 2.44 12.52
N GLY B 335 21.71 1.96 11.83
CA GLY B 335 21.43 0.53 11.76
C GLY B 335 20.97 -0.10 13.08
N GLN B 336 20.54 0.74 14.01
CA GLN B 336 20.05 0.27 15.29
C GLN B 336 18.52 0.33 15.38
N TRP B 337 17.92 -0.78 15.77
CA TRP B 337 16.47 -0.85 15.91
C TRP B 337 16.10 -1.43 17.25
N THR B 338 15.12 -0.84 17.94
CA THR B 338 14.67 -1.37 19.22
C THR B 338 13.25 -1.87 19.12
N TYR B 339 12.93 -2.92 19.86
CA TYR B 339 11.56 -3.42 19.81
C TYR B 339 11.09 -3.91 21.15
N GLN B 340 9.77 -3.94 21.32
CA GLN B 340 9.15 -4.50 22.51
C GLN B 340 7.98 -5.34 22.06
N ILE B 341 7.77 -6.46 22.76
CA ILE B 341 6.57 -7.27 22.58
C ILE B 341 5.73 -7.22 23.85
N TYR B 342 4.45 -6.89 23.71
CA TYR B 342 3.53 -6.80 24.84
C TYR B 342 2.15 -7.20 24.37
N GLN B 343 1.21 -7.30 25.31
CA GLN B 343 -0.19 -7.54 24.98
C GLN B 343 -1.05 -6.46 25.64
N GLU B 344 -0.54 -5.93 26.73
CA GLU B 344 -1.13 -4.78 27.40
C GLU B 344 -0.06 -3.72 27.50
N PRO B 345 -0.42 -2.46 27.22
CA PRO B 345 0.46 -1.30 27.38
C PRO B 345 1.34 -1.37 28.63
N PHE B 346 2.65 -1.30 28.41
CA PHE B 346 3.71 -1.22 29.43
C PHE B 346 3.99 -2.56 30.09
N LYS B 347 3.21 -3.56 29.71
CA LYS B 347 3.44 -4.91 30.22
C LYS B 347 4.25 -5.78 29.23
N ASN B 348 5.52 -5.46 29.08
CA ASN B 348 6.37 -6.11 28.07
C ASN B 348 6.74 -7.55 28.39
N LEU B 349 6.51 -8.42 27.43
CA LEU B 349 6.97 -9.80 27.49
C LEU B 349 8.45 -9.87 27.12
N LYS B 350 8.85 -9.02 26.18
CA LYS B 350 10.25 -8.99 25.78
C LYS B 350 10.55 -7.62 25.20
N THR B 351 11.80 -7.20 25.31
CA THR B 351 12.26 -5.99 24.69
C THR B 351 13.63 -6.29 24.11
N GLY B 352 13.92 -5.77 22.92
CA GLY B 352 15.16 -6.13 22.27
C GLY B 352 15.78 -5.02 21.47
N LYS B 353 16.92 -5.33 20.86
CA LYS B 353 17.58 -4.44 19.92
C LYS B 353 17.97 -5.28 18.72
N TYR B 354 17.95 -4.66 17.55
CA TYR B 354 18.38 -5.30 16.33
C TYR B 354 19.43 -4.38 15.70
N ALA B 355 20.61 -4.91 15.43
CA ALA B 355 21.74 -4.11 14.96
C ALA B 355 22.25 -4.61 13.62
N ARG B 356 22.69 -3.68 12.78
CA ARG B 356 23.31 -4.04 11.50
C ARG B 356 24.48 -3.11 11.17
N ALA B 360 26.55 3.11 5.46
CA ALA B 360 26.92 3.73 4.18
C ALA B 360 25.74 3.75 3.20
N HIS B 361 25.46 2.62 2.56
CA HIS B 361 24.35 2.50 1.63
C HIS B 361 23.19 1.71 2.24
N THR B 362 23.03 1.87 3.55
CA THR B 362 22.03 1.13 4.28
C THR B 362 20.63 1.35 3.69
N ASN B 363 19.82 0.31 3.72
CA ASN B 363 18.45 0.42 3.23
C ASN B 363 17.46 0.24 4.39
N ASP B 364 16.95 1.35 4.91
CA ASP B 364 15.99 1.34 6.02
C ASP B 364 14.83 0.33 5.89
N VAL B 365 14.20 0.30 4.72
CA VAL B 365 13.04 -0.58 4.54
C VAL B 365 13.47 -2.04 4.60
N LYS B 366 14.59 -2.35 3.95
CA LYS B 366 15.18 -3.66 4.06
C LYS B 366 15.41 -3.99 5.53
N GLN B 367 16.11 -3.10 6.22
CA GLN B 367 16.44 -3.33 7.61
C GLN B 367 15.18 -3.59 8.42
N LEU B 368 14.16 -2.76 8.19
CA LEU B 368 12.90 -2.88 8.91
C LEU B 368 12.26 -4.22 8.64
N THR B 369 12.26 -4.60 7.36
CA THR B 369 11.66 -5.84 6.90
C THR B 369 12.36 -7.03 7.52
N GLU B 370 13.68 -6.94 7.60
CA GLU B 370 14.50 -7.96 8.24
C GLU B 370 14.26 -7.99 9.76
N ALA B 371 14.25 -6.83 10.39
CA ALA B 371 13.82 -6.73 11.78
C ALA B 371 12.47 -7.41 12.06
N VAL B 372 11.44 -7.23 11.22
CA VAL B 372 10.16 -7.83 11.61
C VAL B 372 10.19 -9.33 11.37
N GLN B 373 11.03 -9.79 10.45
CA GLN B 373 11.15 -11.24 10.24
C GLN B 373 11.87 -11.88 11.42
N LYS B 374 12.88 -11.20 11.93
CA LYS B 374 13.60 -11.69 13.08
C LYS B 374 12.69 -11.78 14.33
N ILE B 375 11.89 -10.72 14.55
CA ILE B 375 11.06 -10.62 15.74
C ILE B 375 9.96 -11.66 15.70
N THR B 376 9.43 -11.87 14.50
CA THR B 376 8.35 -12.83 14.32
C THR B 376 8.87 -14.23 14.63
N THR B 377 10.07 -14.51 14.13
CA THR B 377 10.72 -15.78 14.37
C THR B 377 10.87 -16.03 15.87
N GLU B 378 11.40 -15.05 16.59
CA GLU B 378 11.52 -15.17 18.04
C GLU B 378 10.18 -15.41 18.68
N SER B 379 9.18 -14.73 18.16
CA SER B 379 7.89 -14.77 18.78
C SER B 379 7.25 -16.13 18.59
N ILE B 380 7.43 -16.72 17.42
CA ILE B 380 6.93 -18.07 17.18
C ILE B 380 7.65 -19.07 18.10
N VAL B 381 8.97 -18.99 18.15
CA VAL B 381 9.76 -19.89 18.96
C VAL B 381 9.35 -19.81 20.43
N ILE B 382 9.26 -18.60 20.96
CA ILE B 382 8.89 -18.42 22.36
C ILE B 382 7.41 -18.70 22.65
N TRP B 383 6.47 -18.36 21.75
CA TRP B 383 5.04 -18.53 22.08
C TRP B 383 4.19 -19.20 21.00
N GLY B 384 4.78 -19.51 19.85
CA GLY B 384 4.06 -20.23 18.80
C GLY B 384 2.99 -19.41 18.12
N LYS B 385 3.20 -18.11 18.09
CA LYS B 385 2.20 -17.19 17.60
C LYS B 385 2.90 -15.96 17.05
N THR B 386 2.18 -15.23 16.22
CA THR B 386 2.76 -14.25 15.37
C THR B 386 2.24 -12.88 15.83
N PRO B 387 3.15 -11.93 16.05
CA PRO B 387 2.67 -10.68 16.61
C PRO B 387 2.08 -9.73 15.54
N LYS B 388 1.14 -8.89 15.97
CA LYS B 388 0.69 -7.77 15.17
C LYS B 388 1.73 -6.64 15.30
N PHE B 389 2.30 -6.19 14.19
CA PHE B 389 3.34 -5.15 14.25
C PHE B 389 2.83 -3.72 14.08
N LYS B 390 3.38 -2.82 14.88
CA LYS B 390 3.19 -1.39 14.67
C LYS B 390 4.42 -0.82 13.97
N LEU B 391 4.34 -0.66 12.66
CA LEU B 391 5.50 -0.27 11.85
C LEU B 391 5.67 1.23 11.74
N PRO B 392 6.87 1.73 12.09
CA PRO B 392 7.26 3.15 11.98
C PRO B 392 7.70 3.51 10.56
N ILE B 393 6.75 3.52 9.66
CA ILE B 393 7.02 3.75 8.27
C ILE B 393 5.71 4.15 7.64
N GLN B 394 5.75 4.91 6.57
CA GLN B 394 4.54 5.21 5.84
C GLN B 394 4.08 3.98 5.09
N LYS B 395 2.78 3.72 5.13
CA LYS B 395 2.15 2.62 4.39
C LYS B 395 2.67 2.41 2.97
N GLU B 396 2.71 3.47 2.16
CA GLU B 396 3.05 3.31 0.74
C GLU B 396 4.50 2.93 0.53
N THR B 397 5.41 3.58 1.26
CA THR B 397 6.81 3.17 1.30
C THR B 397 6.90 1.67 1.59
N TRP B 398 6.33 1.24 2.70
CA TRP B 398 6.36 -0.17 3.08
C TRP B 398 5.77 -1.07 2.00
N GLU B 399 4.60 -0.72 1.47
CA GLU B 399 3.90 -1.60 0.54
C GLU B 399 4.57 -1.62 -0.81
N THR B 400 5.29 -0.54 -1.13
CA THR B 400 6.07 -0.46 -2.35
C THR B 400 7.18 -1.53 -2.39
N TRP B 401 7.89 -1.72 -1.27
CA TRP B 401 9.13 -2.51 -1.30
C TRP B 401 9.28 -3.75 -0.40
N TRP B 402 8.37 -4.02 0.55
CA TRP B 402 8.68 -5.07 1.52
C TRP B 402 8.78 -6.49 0.91
N THR B 403 8.12 -6.73 -0.23
CA THR B 403 8.18 -8.05 -0.85
C THR B 403 9.55 -8.29 -1.47
N GLU B 404 10.29 -7.21 -1.68
CA GLU B 404 11.64 -7.36 -2.19
C GLU B 404 12.57 -8.02 -1.16
N TYR B 405 12.25 -7.89 0.13
CA TYR B 405 13.18 -8.32 1.17
C TYR B 405 12.61 -9.43 2.05
N TRP B 406 11.50 -10.03 1.64
CA TRP B 406 10.83 -11.05 2.46
C TRP B 406 11.33 -12.47 2.19
N GLN B 407 11.62 -13.22 3.25
CA GLN B 407 12.16 -14.56 3.10
C GLN B 407 11.38 -15.62 3.90
N ALA B 408 10.38 -15.19 4.67
CA ALA B 408 9.60 -16.12 5.47
C ALA B 408 8.44 -16.73 4.68
N THR B 409 7.89 -17.84 5.17
CA THR B 409 6.74 -18.45 4.52
C THR B 409 5.45 -17.94 5.13
N TRP B 410 5.53 -17.34 6.31
CA TRP B 410 4.38 -16.66 6.92
C TRP B 410 4.41 -15.14 6.66
N ILE B 411 3.29 -14.47 6.91
CA ILE B 411 3.26 -13.00 6.97
C ILE B 411 2.44 -12.54 8.18
N PRO B 412 3.05 -11.76 9.05
CA PRO B 412 2.36 -11.25 10.23
C PRO B 412 1.40 -10.13 9.89
N GLU B 413 0.40 -9.91 10.74
CA GLU B 413 -0.42 -8.72 10.66
C GLU B 413 0.46 -7.50 10.91
N TRP B 414 0.04 -6.34 10.37
CA TRP B 414 0.70 -5.09 10.74
C TRP B 414 -0.15 -3.86 10.54
N GLU B 415 0.30 -2.78 11.14
CA GLU B 415 -0.37 -1.50 10.99
C GLU B 415 0.74 -0.44 11.04
N PHE B 416 0.45 0.76 10.54
CA PHE B 416 1.48 1.79 10.39
C PHE B 416 1.22 2.91 11.36
N VAL B 417 2.27 3.39 12.02
CA VAL B 417 2.12 4.41 13.04
C VAL B 417 3.03 5.60 12.80
N ASN B 418 2.77 6.68 13.50
CA ASN B 418 3.65 7.85 13.49
C ASN B 418 4.28 8.01 14.86
N THR B 419 5.36 7.27 15.08
CA THR B 419 6.09 7.25 16.37
C THR B 419 6.26 8.64 16.97
N PRO B 420 5.62 8.87 18.13
CA PRO B 420 5.95 10.14 18.78
C PRO B 420 7.40 10.08 19.24
N PRO B 421 8.23 10.99 18.72
CA PRO B 421 9.70 11.02 18.87
C PRO B 421 10.17 10.95 20.32
N LEU B 422 9.21 11.02 21.25
CA LEU B 422 9.48 10.81 22.67
C LEU B 422 10.03 9.41 22.93
N VAL B 423 9.29 8.40 22.47
CA VAL B 423 9.58 7.00 22.79
C VAL B 423 10.89 6.49 22.15
N LYS B 424 11.32 7.10 21.06
CA LYS B 424 12.60 6.72 20.48
C LYS B 424 13.75 7.11 21.40
N LEU B 425 13.55 8.11 22.26
CA LEU B 425 14.56 8.47 23.28
C LEU B 425 14.55 7.51 24.48
N TRP B 426 13.39 6.96 24.74
CA TRP B 426 13.20 6.11 25.90
C TRP B 426 13.96 4.79 25.86
N TYR B 427 14.14 4.25 24.66
CA TYR B 427 14.86 2.99 24.51
C TYR B 427 16.29 3.21 23.98
N GLN B 428 16.71 4.48 23.92
CA GLN B 428 18.08 4.90 23.59
C GLN B 428 19.16 4.06 24.29
N1 DOC C 21 -14.68 0.28 -23.89
C2 DOC C 21 -15.55 0.10 -22.83
N3 DOC C 21 -16.26 1.12 -22.35
C4 DOC C 21 -16.16 2.40 -22.96
C5 DOC C 21 -15.33 2.58 -24.00
C6 DOC C 21 -14.59 1.51 -24.49
O2 DOC C 21 -15.66 -0.98 -22.29
N4 DOC C 21 -16.95 3.43 -22.44
C1' DOC C 21 -14.03 -0.85 -24.46
C2' DOC C 21 -14.39 -1.83 -25.56
C3' DOC C 21 -13.55 -1.38 -26.69
C4' DOC C 21 -12.26 -0.92 -26.05
O4' DOC C 21 -12.57 -0.62 -24.64
C5' DOC C 21 -11.41 0.02 -26.83
O5' DOC C 21 -11.91 1.31 -26.84
P DOC C 21 -11.05 2.49 -27.36
OP1 DOC C 21 -10.32 2.08 -28.68
OP2 DOC C 21 -11.90 3.72 -27.61
OAC 1RY E . -19.21 -2.75 -34.42
PAZ 1RY E . -18.65 -3.83 -33.51
OAF 1RY E . -19.73 -4.80 -33.11
OAG 1RY E . -17.42 -4.54 -34.01
OAQ 1RY E . -18.21 -3.03 -32.15
PBB 1RY E . -19.20 -2.07 -31.32
OAI 1RY E . -20.42 -1.79 -32.10
OAE 1RY E . -18.34 -0.95 -30.79
OAR 1RY E . -19.59 -2.85 -29.98
PBA 1RY E . -20.20 -4.35 -29.84
OAH 1RY E . -19.04 -5.19 -30.37
OAD 1RY E . -21.67 -4.47 -30.37
OAO 1RY E . -19.92 -4.40 -28.25
CAL 1RY E . -18.71 -3.87 -27.75
CAW 1RY E . -18.68 -4.22 -26.28
OAP 1RY E . -19.64 -3.35 -25.68
SAS 1RY E . -17.10 -3.78 -25.60
CAM 1RY E . -17.90 -3.47 -24.09
CAX 1RY E . -19.34 -3.06 -24.39
NAY 1RY E . -19.51 -1.65 -24.22
CAK 1RY E . -18.83 -0.80 -24.97
CAU 1RY E . -19.03 0.55 -24.77
FAJ 1RY E . -18.35 1.44 -25.50
CAV 1RY E . -20.37 -1.21 -23.31
OAB 1RY E . -21.04 -2.04 -22.57
NAN 1RY E . -20.60 0.06 -23.10
CAT 1RY E . -19.94 0.97 -23.82
NAA 1RY E . -20.12 2.31 -23.62
S SO4 F . 22.24 32.67 29.43
O1 SO4 F . 23.43 33.43 29.04
O2 SO4 F . 22.38 31.30 28.92
O3 SO4 F . 22.17 32.64 30.88
O4 SO4 F . 21.06 33.36 28.86
S SO4 G . 13.21 19.31 -19.44
O1 SO4 G . 13.89 18.00 -19.52
O2 SO4 G . 13.86 20.28 -20.34
O3 SO4 G . 13.29 19.81 -18.07
O4 SO4 G . 11.81 19.17 -19.83
MG MG H . -16.43 -4.74 -31.35
#